data_4LMO
#
_entry.id   4LMO
#
_cell.length_a   48.629
_cell.length_b   84.508
_cell.length_c   137.174
_cell.angle_alpha   90.00
_cell.angle_beta   94.31
_cell.angle_gamma   90.00
#
_symmetry.space_group_name_H-M   'P 1 21 1'
#
loop_
_entity.id
_entity.type
_entity.pdbx_description
1 polymer 'Telomerase reverse transcriptase'
2 water water
#
_entity_poly.entity_id   1
_entity_poly.type   'polypeptide(L)'
_entity_poly.pdbx_seq_one_letter_code
;SNASQSFMRTLGFLYGGRGMRSFLLNRKKKTAEGFRKIQGRDLIRIVFFEGVLYLNGLERKPKKLPRRFFNMVPLFSQLL
RQHRRCPYSRLLQKTCPLVGIKDAGQAELSSFLPQHCGSHRVYLFVRECLLAVIPQELWGSEHNRLLYFARVRFFLRSGK
FERLSVAELMWKIKVNNCDWLKISKTGRVPPSELSYRTQILGQFLAWLLDGFVVGLVRACFYATESMGQKNAIRFYRQEV
WAKLQDLAFRSHIS
;
_entity_poly.pdbx_strand_id   A,B,C,D
#
# COMPACT_ATOMS: atom_id res chain seq x y z
N SER A 4 -17.49 22.72 22.32
CA SER A 4 -18.16 22.67 21.00
C SER A 4 -17.77 23.87 20.13
N GLN A 5 -16.46 24.11 20.05
CA GLN A 5 -15.90 25.22 19.29
C GLN A 5 -15.44 24.79 17.90
N SER A 6 -15.67 23.50 17.60
CA SER A 6 -15.32 22.91 16.30
C SER A 6 -16.26 23.37 15.20
N PHE A 7 -17.46 23.83 15.58
CA PHE A 7 -18.48 24.28 14.63
C PHE A 7 -18.03 25.47 13.79
N MET A 8 -17.44 26.47 14.44
CA MET A 8 -17.06 27.74 13.80
C MET A 8 -16.02 27.55 12.69
N ARG A 9 -15.09 26.62 12.89
CA ARG A 9 -14.11 26.25 11.87
C ARG A 9 -14.77 25.61 10.65
N THR A 10 -15.67 24.67 10.91
CA THR A 10 -16.36 23.91 9.86
C THR A 10 -17.31 24.79 9.05
N LEU A 11 -18.20 25.50 9.75
CA LEU A 11 -19.16 26.38 9.12
C LEU A 11 -18.46 27.54 8.42
N GLY A 12 -17.35 27.99 9.00
CA GLY A 12 -16.50 29.02 8.41
C GLY A 12 -15.87 28.57 7.10
N PHE A 13 -15.37 27.34 7.10
CA PHE A 13 -14.78 26.74 5.90
C PHE A 13 -15.80 26.63 4.77
N LEU A 14 -17.01 26.18 5.09
CA LEU A 14 -18.06 25.98 4.09
C LEU A 14 -18.68 27.28 3.60
N TYR A 15 -18.98 28.19 4.51
CA TYR A 15 -19.81 29.36 4.19
C TYR A 15 -19.19 30.72 4.50
N GLY A 16 -18.09 30.73 5.26
CA GLY A 16 -17.40 31.96 5.61
C GLY A 16 -18.15 32.81 6.62
N GLY A 17 -17.59 33.98 6.91
CA GLY A 17 -18.21 34.95 7.82
C GLY A 17 -18.13 34.57 9.29
N ARG A 18 -17.02 33.96 9.69
CA ARG A 18 -16.82 33.51 11.07
C ARG A 18 -15.47 33.95 11.64
N GLY A 19 -14.80 34.86 10.96
CA GLY A 19 -13.50 35.35 11.42
C GLY A 19 -12.31 34.53 10.95
N MET A 20 -11.14 34.88 11.46
CA MET A 20 -9.87 34.40 10.95
C MET A 20 -9.50 32.94 11.27
N ARG A 21 -10.26 32.31 12.17
CA ARG A 21 -9.96 30.94 12.60
C ARG A 21 -10.00 29.94 11.44
N SER A 22 -10.94 30.12 10.52
CA SER A 22 -11.06 29.24 9.36
C SER A 22 -10.36 29.76 8.10
N PHE A 23 -9.52 30.77 8.27
CA PHE A 23 -8.71 31.32 7.18
C PHE A 23 -7.60 30.35 6.78
N LEU A 24 -7.36 30.23 5.48
CA LEU A 24 -6.39 29.29 4.91
C LEU A 24 -5.08 29.12 5.69
N LEU A 25 -4.42 30.23 6.01
CA LEU A 25 -3.10 30.20 6.64
C LEU A 25 -3.15 29.84 8.13
N ASN A 26 -4.35 29.79 8.70
CA ASN A 26 -4.54 29.35 10.08
C ASN A 26 -4.92 27.88 10.18
N ARG A 27 -5.10 27.24 9.03
CA ARG A 27 -5.44 25.82 8.99
C ARG A 27 -4.22 24.95 9.25
N LYS A 28 -4.46 23.78 9.82
CA LYS A 28 -3.40 22.83 10.14
C LYS A 28 -3.34 21.71 9.11
N LYS A 29 -2.13 21.22 8.86
CA LYS A 29 -1.94 20.05 8.00
C LYS A 29 -2.26 18.78 8.79
N LYS A 30 -3.00 17.87 8.15
CA LYS A 30 -3.35 16.60 8.76
C LYS A 30 -2.23 15.57 8.62
N THR A 31 -1.67 15.18 9.75
CA THR A 31 -0.72 14.07 9.82
C THR A 31 -1.50 12.77 10.08
N ALA A 32 -0.79 11.64 10.12
CA ALA A 32 -1.42 10.35 10.37
C ALA A 32 -2.15 10.28 11.71
N GLU A 33 -1.56 10.88 12.74
CA GLU A 33 -2.09 10.79 14.10
C GLU A 33 -2.91 12.02 14.54
N GLY A 34 -2.76 13.13 13.83
CA GLY A 34 -3.49 14.35 14.15
C GLY A 34 -3.22 15.53 13.23
N PHE A 35 -2.75 16.63 13.82
CA PHE A 35 -2.55 17.88 13.11
C PHE A 35 -1.26 18.60 13.51
N ARG A 36 -0.77 19.45 12.61
CA ARG A 36 0.41 20.27 12.86
C ARG A 36 0.33 21.62 12.15
N LYS A 37 1.03 22.60 12.72
CA LYS A 37 1.17 23.95 12.15
C LYS A 37 1.80 23.84 10.77
N ILE A 38 1.45 24.74 9.86
CA ILE A 38 2.03 24.70 8.51
C ILE A 38 3.30 25.54 8.37
N GLN A 39 4.27 25.00 7.64
CA GLN A 39 5.56 25.65 7.44
C GLN A 39 5.72 26.14 6.00
N GLY A 40 6.80 26.88 5.74
CA GLY A 40 7.06 27.44 4.41
C GLY A 40 6.99 26.43 3.28
N ARG A 41 7.58 25.26 3.51
CA ARG A 41 7.56 24.14 2.57
C ARG A 41 6.12 23.67 2.28
N ASP A 42 5.29 23.64 3.32
CA ASP A 42 3.87 23.30 3.18
C ASP A 42 3.14 24.30 2.28
N LEU A 43 3.41 25.59 2.49
CA LEU A 43 2.78 26.65 1.71
C LEU A 43 3.15 26.59 0.23
N ILE A 44 4.43 26.33 -0.05
CA ILE A 44 4.89 26.13 -1.43
C ILE A 44 4.10 25.02 -2.13
N ARG A 45 3.80 23.96 -1.39
CA ARG A 45 2.96 22.86 -1.86
C ARG A 45 1.55 23.31 -2.22
N ILE A 46 0.93 24.09 -1.33
CA ILE A 46 -0.41 24.62 -1.52
C ILE A 46 -0.47 25.57 -2.71
N VAL A 47 0.56 26.39 -2.88
CA VAL A 47 0.58 27.41 -3.92
C VAL A 47 0.94 26.84 -5.31
N PHE A 48 1.93 25.96 -5.35
CA PHE A 48 2.51 25.54 -6.64
C PHE A 48 2.31 24.09 -7.05
N PHE A 49 2.01 23.21 -6.10
CA PHE A 49 1.98 21.76 -6.37
C PHE A 49 0.59 21.13 -6.19
N GLU A 50 0.32 20.57 -5.01
CA GLU A 50 -0.93 19.86 -4.77
C GLU A 50 -2.17 20.75 -4.68
N GLY A 51 -2.00 21.98 -4.22
CA GLY A 51 -3.13 22.87 -3.94
C GLY A 51 -3.53 22.78 -2.47
N VAL A 52 -4.71 23.30 -2.15
CA VAL A 52 -5.20 23.34 -0.76
C VAL A 52 -5.38 21.96 -0.12
N LEU A 53 -5.65 20.94 -0.94
CA LEU A 53 -5.92 19.58 -0.44
C LEU A 53 -4.67 18.88 0.09
N TYR A 54 -3.52 19.50 -0.14
CA TYR A 54 -2.27 19.07 0.47
C TYR A 54 -2.41 19.00 1.99
N LEU A 55 -3.21 19.91 2.55
CA LEU A 55 -3.49 19.95 3.98
C LEU A 55 -4.28 18.72 4.45
N ASN A 56 -4.95 18.06 3.52
CA ASN A 56 -5.78 16.89 3.82
C ASN A 56 -5.14 15.57 3.42
N GLY A 57 -3.90 15.63 2.96
CA GLY A 57 -3.12 14.44 2.66
C GLY A 57 -2.83 14.17 1.19
N LEU A 58 -3.28 15.07 0.31
CA LEU A 58 -3.06 14.88 -1.13
C LEU A 58 -1.57 14.98 -1.48
N GLU A 59 -1.07 13.97 -2.18
CA GLU A 59 0.34 13.91 -2.53
C GLU A 59 0.57 13.74 -4.01
N ARG A 60 1.56 14.46 -4.52
CA ARG A 60 2.00 14.31 -5.90
C ARG A 60 3.52 14.35 -6.00
N LYS A 61 4.07 13.67 -7.00
CA LYS A 61 5.50 13.70 -7.25
C LYS A 61 5.87 15.00 -7.98
N PRO A 62 7.06 15.57 -7.68
CA PRO A 62 8.08 15.05 -6.77
C PRO A 62 7.77 15.28 -5.29
N LYS A 63 8.15 14.32 -4.45
CA LYS A 63 8.01 14.43 -3.00
C LYS A 63 8.99 15.47 -2.43
N LYS A 64 10.24 15.37 -2.85
CA LYS A 64 11.25 16.37 -2.50
C LYS A 64 11.08 17.57 -3.42
N LEU A 65 11.19 18.77 -2.84
CA LEU A 65 11.11 20.01 -3.61
C LEU A 65 12.30 20.16 -4.56
N PRO A 66 12.04 20.46 -5.85
CA PRO A 66 13.11 20.83 -6.79
C PRO A 66 13.91 22.01 -6.26
N ARG A 67 15.15 22.16 -6.74
CA ARG A 67 16.06 23.20 -6.23
C ARG A 67 15.46 24.60 -6.33
N ARG A 68 14.78 24.87 -7.44
CA ARG A 68 14.12 26.16 -7.70
C ARG A 68 13.12 26.51 -6.58
N PHE A 69 12.29 25.54 -6.23
CA PHE A 69 11.25 25.73 -5.23
C PHE A 69 11.78 25.56 -3.80
N PHE A 70 12.85 24.78 -3.65
CA PHE A 70 13.51 24.62 -2.36
C PHE A 70 14.11 25.94 -1.86
N ASN A 71 14.64 26.72 -2.79
CA ASN A 71 15.23 28.02 -2.45
C ASN A 71 14.20 29.08 -2.03
N MET A 72 12.93 28.81 -2.30
CA MET A 72 11.84 29.71 -1.94
C MET A 72 11.36 29.50 -0.50
N VAL A 73 11.76 28.38 0.10
CA VAL A 73 11.33 28.01 1.46
C VAL A 73 11.49 29.14 2.50
N PRO A 74 12.68 29.78 2.57
CA PRO A 74 12.90 30.85 3.55
C PRO A 74 11.93 32.03 3.40
N LEU A 75 11.62 32.39 2.16
CA LEU A 75 10.72 33.49 1.87
C LEU A 75 9.28 33.20 2.26
N PHE A 76 8.84 31.97 2.02
CA PHE A 76 7.48 31.56 2.34
C PHE A 76 7.33 31.25 3.83
N SER A 77 8.42 30.82 4.45
CA SER A 77 8.48 30.69 5.91
C SER A 77 8.32 32.06 6.55
N GLN A 78 8.99 33.05 5.95
CA GLN A 78 8.89 34.44 6.37
C GLN A 78 7.45 34.95 6.26
N LEU A 79 6.81 34.66 5.14
CA LEU A 79 5.42 35.03 4.89
C LEU A 79 4.49 34.50 5.98
N LEU A 80 4.65 33.22 6.32
CA LEU A 80 3.84 32.59 7.35
C LEU A 80 4.12 33.17 8.74
N ARG A 81 5.36 33.57 8.98
CA ARG A 81 5.77 34.17 10.24
C ARG A 81 5.14 35.55 10.40
N GLN A 82 5.12 36.31 9.31
CA GLN A 82 4.51 37.64 9.27
C GLN A 82 2.98 37.56 9.38
N HIS A 83 2.41 36.47 8.88
CA HIS A 83 0.98 36.19 9.01
C HIS A 83 0.60 35.91 10.44
N ARG A 84 1.44 35.14 11.14
CA ARG A 84 1.16 34.76 12.52
C ARG A 84 1.35 35.92 13.50
N ARG A 85 2.12 36.92 13.08
CA ARG A 85 2.36 38.13 13.87
C ARG A 85 1.45 39.29 13.46
N CYS A 86 0.73 39.12 12.35
CA CYS A 86 -0.17 40.15 11.82
C CYS A 86 -1.35 40.41 12.75
N PRO A 87 -1.61 41.70 13.08
CA PRO A 87 -2.68 42.06 14.00
C PRO A 87 -3.99 42.34 13.26
N TYR A 88 -4.59 41.30 12.70
CA TYR A 88 -5.76 41.44 11.83
C TYR A 88 -6.92 42.25 12.43
N SER A 89 -7.17 42.06 13.72
CA SER A 89 -8.20 42.80 14.42
C SER A 89 -7.90 44.30 14.45
N ARG A 90 -6.66 44.66 14.78
CA ARG A 90 -6.21 46.05 14.74
C ARG A 90 -6.39 46.67 13.35
N LEU A 91 -5.97 45.94 12.32
CA LEU A 91 -6.08 46.43 10.94
C LEU A 91 -7.53 46.58 10.46
N LEU A 92 -8.41 45.71 10.92
CA LEU A 92 -9.85 45.87 10.70
C LEU A 92 -10.39 47.07 11.48
N GLN A 93 -9.87 47.26 12.70
CA GLN A 93 -10.29 48.34 13.57
C GLN A 93 -9.78 49.70 13.13
N LYS A 94 -8.72 49.72 12.33
CA LYS A 94 -8.18 50.97 11.81
C LYS A 94 -8.51 51.18 10.33
N THR A 95 -9.40 50.35 9.79
CA THR A 95 -9.92 50.53 8.43
C THR A 95 -11.45 50.59 8.38
N CYS A 96 -12.12 49.64 9.02
CA CYS A 96 -13.58 49.66 9.11
C CYS A 96 -14.07 49.17 10.47
N PRO A 97 -13.94 50.03 11.50
CA PRO A 97 -14.11 49.63 12.90
C PRO A 97 -15.55 49.34 13.29
N LEU A 98 -15.70 48.58 14.38
CA LEU A 98 -17.01 48.26 14.93
C LEU A 98 -17.55 49.45 15.72
N VAL A 99 -18.86 49.66 15.64
CA VAL A 99 -19.52 50.73 16.39
C VAL A 99 -20.52 50.12 17.38
N GLY A 100 -20.09 50.02 18.63
CA GLY A 100 -20.93 49.52 19.72
C GLY A 100 -21.53 48.14 19.51
N ILE A 101 -20.69 47.17 19.15
CA ILE A 101 -21.17 45.79 18.97
C ILE A 101 -21.05 44.96 20.25
N LYS A 102 -19.95 45.14 20.99
CA LYS A 102 -19.74 44.44 22.25
C LYS A 102 -20.37 45.20 23.41
N ASP A 103 -20.70 46.47 23.17
CA ASP A 103 -21.37 47.32 24.16
C ASP A 103 -22.85 47.52 23.83
N ALA A 104 -23.32 46.80 22.79
CA ALA A 104 -24.69 46.92 22.28
C ALA A 104 -25.73 47.26 23.33
N GLY A 105 -25.72 46.51 24.44
CA GLY A 105 -26.66 46.74 25.54
C GLY A 105 -28.07 46.36 25.15
N GLN A 106 -28.79 47.32 24.57
CA GLN A 106 -30.16 47.12 24.10
C GLN A 106 -30.46 47.93 22.84
N ALA A 107 -29.59 47.81 21.84
CA ALA A 107 -29.76 48.51 20.57
C ALA A 107 -30.70 47.75 19.64
N GLU A 108 -31.39 48.49 18.77
CA GLU A 108 -32.33 47.90 17.81
C GLU A 108 -31.65 47.46 16.52
N LEU A 109 -32.35 46.65 15.73
CA LEU A 109 -31.82 46.10 14.47
C LEU A 109 -31.39 47.20 13.49
N SER A 110 -32.20 48.25 13.38
CA SER A 110 -31.96 49.36 12.46
C SER A 110 -30.71 50.17 12.80
N SER A 111 -30.23 50.03 14.03
CA SER A 111 -29.00 50.68 14.48
C SER A 111 -27.77 50.15 13.74
N PHE A 112 -27.80 48.86 13.40
CA PHE A 112 -26.64 48.18 12.82
C PHE A 112 -26.69 48.04 11.29
N LEU A 113 -27.87 48.21 10.71
CA LEU A 113 -28.04 48.11 9.25
C LEU A 113 -27.13 49.06 8.44
N PRO A 114 -26.97 50.34 8.89
CA PRO A 114 -26.05 51.22 8.16
C PRO A 114 -24.58 50.92 8.37
N GLN A 115 -24.25 50.07 9.35
CA GLN A 115 -22.86 49.80 9.69
C GLN A 115 -22.23 48.71 8.81
N HIS A 116 -22.06 49.04 7.54
CA HIS A 116 -21.39 48.16 6.59
C HIS A 116 -20.16 48.83 6.03
N CYS A 117 -19.28 48.05 5.41
CA CYS A 117 -18.03 48.57 4.84
C CYS A 117 -18.11 48.66 3.33
N GLY A 118 -17.84 49.84 2.80
CA GLY A 118 -17.74 50.03 1.36
C GLY A 118 -16.53 49.31 0.80
N SER A 119 -16.61 48.92 -0.48
CA SER A 119 -15.56 48.11 -1.13
C SER A 119 -14.17 48.75 -1.04
N HIS A 120 -14.13 50.09 -0.98
CA HIS A 120 -12.89 50.85 -0.85
C HIS A 120 -12.26 50.68 0.51
N ARG A 121 -13.09 50.49 1.53
CA ARG A 121 -12.64 50.19 2.89
C ARG A 121 -12.12 48.76 2.99
N VAL A 122 -12.82 47.84 2.34
CA VAL A 122 -12.39 46.44 2.26
C VAL A 122 -11.06 46.35 1.52
N TYR A 123 -10.86 47.23 0.54
CA TYR A 123 -9.57 47.35 -0.12
C TYR A 123 -8.45 47.78 0.85
N LEU A 124 -8.71 48.83 1.64
CA LEU A 124 -7.68 49.37 2.55
C LEU A 124 -7.22 48.31 3.54
N PHE A 125 -8.17 47.58 4.13
CA PHE A 125 -7.87 46.45 5.01
C PHE A 125 -7.02 45.38 4.30
N VAL A 126 -7.49 44.94 3.14
CA VAL A 126 -6.78 43.92 2.35
C VAL A 126 -5.41 44.43 1.90
N ARG A 127 -5.32 45.72 1.60
CA ARG A 127 -4.06 46.36 1.19
C ARG A 127 -3.04 46.34 2.32
N GLU A 128 -3.49 46.68 3.53
CA GLU A 128 -2.63 46.69 4.71
C GLU A 128 -2.16 45.29 5.08
N CYS A 129 -3.04 44.30 4.87
CA CYS A 129 -2.71 42.90 5.07
C CYS A 129 -1.60 42.43 4.12
N LEU A 130 -1.71 42.83 2.85
CA LEU A 130 -0.69 42.50 1.84
C LEU A 130 0.68 43.06 2.20
N LEU A 131 0.69 44.29 2.73
CA LEU A 131 1.92 44.97 3.14
C LEU A 131 2.56 44.35 4.40
N ALA A 132 1.73 43.88 5.31
CA ALA A 132 2.21 43.32 6.58
C ALA A 132 2.66 41.86 6.47
N VAL A 133 2.10 41.13 5.50
CA VAL A 133 2.32 39.69 5.39
C VAL A 133 3.28 39.30 4.26
N ILE A 134 3.09 39.86 3.07
CA ILE A 134 3.87 39.46 1.89
C ILE A 134 5.26 40.10 1.89
N PRO A 135 6.33 39.27 2.01
CA PRO A 135 7.69 39.80 1.97
C PRO A 135 7.94 40.56 0.66
N GLN A 136 8.58 41.73 0.77
CA GLN A 136 8.77 42.64 -0.36
C GLN A 136 9.49 42.01 -1.56
N GLU A 137 10.47 41.14 -1.29
CA GLU A 137 11.23 40.51 -2.36
C GLU A 137 10.40 39.60 -3.27
N LEU A 138 9.25 39.15 -2.76
CA LEU A 138 8.33 38.33 -3.55
C LEU A 138 7.62 39.11 -4.64
N TRP A 139 7.41 40.40 -4.40
CA TRP A 139 6.82 41.30 -5.40
C TRP A 139 7.71 41.48 -6.60
N GLY A 140 9.02 41.43 -6.36
CA GLY A 140 10.01 41.59 -7.43
C GLY A 140 10.47 43.03 -7.58
N SER A 141 9.51 43.95 -7.58
CA SER A 141 9.78 45.38 -7.68
C SER A 141 8.64 46.22 -7.12
N GLU A 142 8.92 47.49 -6.89
CA GLU A 142 7.92 48.47 -6.43
C GLU A 142 6.86 48.67 -7.50
N HIS A 143 7.29 48.62 -8.77
CA HIS A 143 6.40 48.66 -9.92
C HIS A 143 5.40 47.51 -9.92
N ASN A 144 5.88 46.30 -9.60
CA ASN A 144 5.01 45.12 -9.58
C ASN A 144 4.02 45.10 -8.42
N ARG A 145 4.41 45.59 -7.25
CA ARG A 145 3.51 45.67 -6.11
C ARG A 145 2.37 46.66 -6.36
N LEU A 146 2.71 47.79 -6.96
CA LEU A 146 1.73 48.85 -7.23
C LEU A 146 0.73 48.48 -8.32
N LEU A 147 1.20 47.82 -9.38
CA LEU A 147 0.30 47.30 -10.42
C LEU A 147 -0.69 46.30 -9.85
N TYR A 148 -0.19 45.45 -8.95
CA TYR A 148 -1.02 44.41 -8.36
C TYR A 148 -2.04 44.98 -7.39
N PHE A 149 -1.62 45.98 -6.61
CA PHE A 149 -2.51 46.67 -5.68
C PHE A 149 -3.67 47.34 -6.42
N ALA A 150 -3.37 47.87 -7.61
CA ALA A 150 -4.37 48.47 -8.48
C ALA A 150 -5.34 47.42 -9.04
N ARG A 151 -4.82 46.21 -9.26
CA ARG A 151 -5.63 45.10 -9.78
C ARG A 151 -6.61 44.61 -8.72
N VAL A 152 -6.16 44.60 -7.47
CA VAL A 152 -7.00 44.23 -6.33
C VAL A 152 -8.10 45.29 -6.12
N ARG A 153 -7.72 46.57 -6.21
CA ARG A 153 -8.66 47.69 -6.07
C ARG A 153 -9.81 47.56 -7.08
N PHE A 154 -9.44 47.37 -8.35
CA PHE A 154 -10.43 47.17 -9.41
C PHE A 154 -11.29 45.95 -9.14
N PHE A 155 -10.66 44.86 -8.74
CA PHE A 155 -11.33 43.59 -8.46
C PHE A 155 -12.39 43.74 -7.36
N LEU A 156 -12.02 44.40 -6.27
CA LEU A 156 -12.93 44.62 -5.15
C LEU A 156 -14.02 45.63 -5.47
N ARG A 157 -13.70 46.62 -6.31
CA ARG A 157 -14.66 47.63 -6.76
C ARG A 157 -15.71 47.01 -7.69
N SER A 158 -15.26 46.13 -8.58
CA SER A 158 -16.13 45.51 -9.59
C SER A 158 -17.21 44.60 -8.98
N GLY A 159 -16.88 43.96 -7.86
CA GLY A 159 -17.80 43.05 -7.19
C GLY A 159 -18.14 41.83 -8.02
N LYS A 160 -17.20 41.45 -8.89
CA LYS A 160 -17.34 40.26 -9.72
C LYS A 160 -16.23 39.28 -9.34
N PHE A 161 -16.38 38.69 -8.16
CA PHE A 161 -15.38 37.84 -7.53
C PHE A 161 -15.12 36.52 -8.27
N GLU A 162 -15.98 36.22 -9.25
CA GLU A 162 -15.86 34.99 -10.04
C GLU A 162 -15.41 35.26 -11.48
N ARG A 163 -15.21 36.54 -11.81
CA ARG A 163 -14.75 36.96 -13.14
C ARG A 163 -13.29 37.40 -13.12
N LEU A 164 -12.52 36.75 -12.24
CA LEU A 164 -11.08 36.92 -12.12
C LEU A 164 -10.39 36.51 -13.43
N SER A 165 -9.39 37.28 -13.84
CA SER A 165 -8.61 36.92 -15.02
C SER A 165 -7.10 37.00 -14.74
N VAL A 166 -6.41 35.91 -15.02
CA VAL A 166 -4.96 35.82 -14.84
C VAL A 166 -4.25 36.76 -15.81
N ALA A 167 -4.72 36.80 -17.05
CA ALA A 167 -4.18 37.67 -18.10
C ALA A 167 -4.27 39.16 -17.73
N GLU A 168 -5.36 39.53 -17.07
CA GLU A 168 -5.56 40.89 -16.60
C GLU A 168 -4.72 41.16 -15.35
N LEU A 169 -4.55 40.13 -14.53
CA LEU A 169 -3.78 40.23 -13.31
C LEU A 169 -2.29 40.40 -13.58
N MET A 170 -1.80 39.71 -14.62
CA MET A 170 -0.38 39.68 -14.96
C MET A 170 0.03 40.77 -15.95
N TRP A 171 -0.94 41.51 -16.47
CA TRP A 171 -0.69 42.48 -17.53
C TRP A 171 0.27 43.55 -17.13
N LYS A 172 1.38 43.62 -17.88
CA LYS A 172 2.47 44.59 -17.66
C LYS A 172 3.29 44.33 -16.39
N ILE A 173 3.05 43.22 -15.72
CA ILE A 173 3.93 42.77 -14.64
C ILE A 173 5.26 42.37 -15.25
N LYS A 174 6.35 42.85 -14.67
CA LYS A 174 7.69 42.49 -15.12
C LYS A 174 8.14 41.22 -14.42
N VAL A 175 8.02 40.10 -15.12
CA VAL A 175 8.33 38.78 -14.59
C VAL A 175 9.78 38.69 -14.07
N ASN A 176 10.71 39.26 -14.83
CA ASN A 176 12.14 39.15 -14.52
C ASN A 176 12.61 39.98 -13.33
N ASN A 177 11.76 40.87 -12.83
CA ASN A 177 12.03 41.59 -11.58
C ASN A 177 12.09 40.65 -10.38
N CYS A 178 11.39 39.53 -10.49
CA CYS A 178 11.31 38.54 -9.43
C CYS A 178 12.48 37.56 -9.52
N ASP A 179 13.50 37.79 -8.69
CA ASP A 179 14.68 36.93 -8.62
C ASP A 179 14.35 35.55 -8.08
N TRP A 180 13.34 35.49 -7.20
CA TRP A 180 12.97 34.25 -6.52
C TRP A 180 12.42 33.18 -7.43
N LEU A 181 12.13 33.55 -8.68
CA LEU A 181 11.66 32.61 -9.68
C LEU A 181 12.82 31.89 -10.38
N LYS A 182 14.01 32.45 -10.26
CA LYS A 182 15.16 32.06 -11.07
C LYS A 182 16.07 31.02 -10.42
N ILE A 183 16.71 30.21 -11.26
CA ILE A 183 17.80 29.34 -10.83
C ILE A 183 19.16 29.82 -11.35
N SER A 184 19.13 30.85 -12.19
CA SER A 184 20.34 31.37 -12.83
C SER A 184 20.16 32.80 -13.30
N LYS A 185 21.18 33.62 -13.06
CA LYS A 185 21.21 34.99 -13.58
C LYS A 185 22.24 35.14 -14.70
N THR A 186 22.97 34.08 -14.99
CA THR A 186 24.04 34.12 -15.99
C THR A 186 23.61 33.56 -17.36
N GLY A 187 23.91 34.31 -18.41
CA GLY A 187 23.55 33.92 -19.77
C GLY A 187 22.19 34.42 -20.21
N ARG A 188 21.90 34.27 -21.49
CA ARG A 188 20.62 34.67 -22.08
C ARG A 188 19.46 33.81 -21.56
N VAL A 189 18.28 34.42 -21.44
CA VAL A 189 17.09 33.74 -20.93
C VAL A 189 16.22 33.27 -22.11
N PRO A 190 16.19 31.94 -22.35
CA PRO A 190 15.45 31.36 -23.47
C PRO A 190 13.93 31.37 -23.23
N PRO A 191 13.13 31.41 -24.32
CA PRO A 191 11.67 31.47 -24.25
C PRO A 191 11.02 30.48 -23.27
N SER A 192 11.52 29.24 -23.24
CA SER A 192 10.96 28.19 -22.38
C SER A 192 11.17 28.48 -20.89
N GLU A 193 12.30 29.11 -20.57
CA GLU A 193 12.59 29.54 -19.21
C GLU A 193 11.71 30.72 -18.80
N LEU A 194 11.56 31.70 -19.69
CA LEU A 194 10.68 32.84 -19.45
C LEU A 194 9.23 32.37 -19.26
N SER A 195 8.81 31.44 -20.11
CA SER A 195 7.48 30.83 -20.04
C SER A 195 7.24 30.11 -18.72
N TYR A 196 8.27 29.42 -18.23
CA TYR A 196 8.19 28.70 -16.96
C TYR A 196 8.22 29.65 -15.76
N ARG A 197 8.99 30.74 -15.88
CA ARG A 197 9.00 31.81 -14.89
C ARG A 197 7.64 32.50 -14.80
N THR A 198 7.03 32.74 -15.96
CA THR A 198 5.69 33.33 -16.06
C THR A 198 4.63 32.40 -15.43
N GLN A 199 4.76 31.11 -15.69
CA GLN A 199 3.88 30.07 -15.16
C GLN A 199 3.87 30.06 -13.62
N ILE A 200 5.06 30.07 -13.02
CA ILE A 200 5.20 30.06 -11.57
C ILE A 200 4.61 31.33 -10.95
N LEU A 201 4.98 32.48 -11.51
CA LEU A 201 4.49 33.77 -11.02
C LEU A 201 2.97 33.89 -11.17
N GLY A 202 2.44 33.33 -12.25
CA GLY A 202 1.00 33.24 -12.44
C GLY A 202 0.34 32.54 -11.27
N GLN A 203 0.81 31.34 -10.95
CA GLN A 203 0.31 30.57 -9.82
C GLN A 203 0.29 31.38 -8.53
N PHE A 204 1.38 32.10 -8.27
CA PHE A 204 1.52 32.86 -7.02
C PHE A 204 0.59 34.07 -6.99
N LEU A 205 0.64 34.89 -8.03
CA LEU A 205 -0.23 36.07 -8.14
C LEU A 205 -1.72 35.67 -8.12
N ALA A 206 -2.06 34.57 -8.79
CA ALA A 206 -3.43 34.08 -8.81
C ALA A 206 -3.86 33.53 -7.46
N TRP A 207 -2.93 32.84 -6.78
CA TRP A 207 -3.17 32.38 -5.41
C TRP A 207 -3.39 33.54 -4.49
N LEU A 208 -2.59 34.59 -4.69
CA LEU A 208 -2.59 35.76 -3.84
C LEU A 208 -3.94 36.47 -3.85
N LEU A 209 -4.61 36.45 -4.99
CA LEU A 209 -5.94 37.04 -5.10
C LEU A 209 -7.03 36.07 -4.60
N ASP A 210 -7.02 34.85 -5.15
CA ASP A 210 -8.05 33.86 -4.85
C ASP A 210 -7.92 33.26 -3.45
N GLY A 211 -6.71 32.90 -3.07
CA GLY A 211 -6.45 32.29 -1.77
C GLY A 211 -6.35 33.32 -0.66
N PHE A 212 -5.44 34.27 -0.82
CA PHE A 212 -5.15 35.23 0.23
C PHE A 212 -6.22 36.33 0.33
N VAL A 213 -6.33 37.17 -0.69
CA VAL A 213 -7.24 38.32 -0.66
C VAL A 213 -8.70 37.92 -0.45
N VAL A 214 -9.21 37.04 -1.31
CA VAL A 214 -10.58 36.55 -1.19
C VAL A 214 -10.81 35.78 0.13
N GLY A 215 -9.78 35.07 0.59
CA GLY A 215 -9.82 34.39 1.89
C GLY A 215 -10.12 35.35 3.02
N LEU A 216 -9.43 36.48 3.04
CA LEU A 216 -9.62 37.51 4.05
C LEU A 216 -11.03 38.09 4.00
N VAL A 217 -11.50 38.37 2.79
CA VAL A 217 -12.85 38.88 2.58
C VAL A 217 -13.89 37.87 3.06
N ARG A 218 -13.72 36.60 2.68
CA ARG A 218 -14.61 35.50 3.10
C ARG A 218 -14.68 35.35 4.62
N ALA A 219 -13.53 35.44 5.29
CA ALA A 219 -13.46 35.24 6.73
C ALA A 219 -13.99 36.42 7.55
N CYS A 220 -13.52 37.62 7.22
CA CYS A 220 -13.76 38.82 8.04
C CYS A 220 -15.07 39.54 7.76
N PHE A 221 -15.68 39.24 6.62
CA PHE A 221 -16.89 39.94 6.20
C PHE A 221 -18.00 38.98 5.78
N TYR A 222 -19.21 39.49 5.72
CA TYR A 222 -20.29 38.78 5.03
C TYR A 222 -20.99 39.76 4.09
N ALA A 223 -20.97 39.43 2.81
CA ALA A 223 -21.64 40.25 1.80
C ALA A 223 -23.06 39.75 1.55
N THR A 224 -23.98 40.70 1.42
CA THR A 224 -25.38 40.40 1.11
C THR A 224 -25.89 41.35 0.01
N GLU A 225 -26.92 40.91 -0.71
CA GLU A 225 -27.40 41.62 -1.90
C GLU A 225 -28.61 42.53 -1.66
N SER A 226 -28.94 42.75 -0.39
CA SER A 226 -30.10 43.57 -0.03
C SER A 226 -29.73 45.08 -0.04
N MET A 227 -30.27 45.90 0.86
CA MET A 227 -31.19 45.53 1.94
C MET A 227 -32.66 45.87 1.69
N GLY A 228 -32.99 47.12 1.37
CA GLY A 228 -32.04 48.22 1.21
C GLY A 228 -31.77 48.55 -0.25
N GLN A 229 -32.77 48.26 -1.08
CA GLN A 229 -32.79 48.61 -2.51
C GLN A 229 -32.07 47.63 -3.44
N LYS A 230 -32.45 47.69 -4.72
CA LYS A 230 -31.89 46.83 -5.76
C LYS A 230 -31.26 47.68 -6.88
N ASN A 231 -29.99 47.41 -7.21
CA ASN A 231 -29.18 46.38 -6.57
C ASN A 231 -27.84 46.91 -6.09
N ALA A 232 -27.44 46.50 -4.89
CA ALA A 232 -26.15 46.89 -4.31
C ALA A 232 -25.62 45.80 -3.38
N ILE A 233 -24.32 45.53 -3.48
CA ILE A 233 -23.65 44.58 -2.59
C ILE A 233 -23.09 45.31 -1.37
N ARG A 234 -23.51 44.88 -0.18
CA ARG A 234 -23.02 45.42 1.07
C ARG A 234 -22.13 44.43 1.82
N PHE A 235 -20.95 44.88 2.24
CA PHE A 235 -20.05 44.07 3.06
C PHE A 235 -20.19 44.44 4.53
N TYR A 236 -20.62 43.48 5.35
CA TYR A 236 -20.65 43.68 6.79
C TYR A 236 -19.49 42.94 7.45
N ARG A 237 -18.78 43.61 8.35
CA ARG A 237 -17.87 42.93 9.26
C ARG A 237 -18.65 41.78 9.89
N GLN A 238 -18.07 40.58 9.90
CA GLN A 238 -18.81 39.39 10.32
C GLN A 238 -19.39 39.52 11.74
N GLU A 239 -18.75 40.33 12.57
CA GLU A 239 -19.23 40.60 13.93
C GLU A 239 -20.56 41.35 13.89
N VAL A 240 -20.67 42.34 13.01
CA VAL A 240 -21.90 43.10 12.84
C VAL A 240 -22.98 42.22 12.21
N TRP A 241 -22.56 41.34 11.31
CA TRP A 241 -23.49 40.40 10.68
C TRP A 241 -24.03 39.40 11.67
N ALA A 242 -23.15 38.90 12.53
CA ALA A 242 -23.56 38.00 13.61
C ALA A 242 -24.56 38.67 14.58
N LYS A 243 -24.39 39.97 14.80
CA LYS A 243 -25.32 40.76 15.61
C LYS A 243 -26.68 40.93 14.91
N LEU A 244 -26.66 41.20 13.61
CA LEU A 244 -27.89 41.36 12.83
C LEU A 244 -28.72 40.07 12.78
N GLN A 245 -28.05 38.94 12.60
CA GLN A 245 -28.70 37.64 12.61
C GLN A 245 -29.35 37.34 13.95
N ASP A 246 -28.62 37.64 15.02
CA ASP A 246 -29.09 37.42 16.39
C ASP A 246 -30.36 38.21 16.72
N LEU A 247 -30.33 39.51 16.45
CA LEU A 247 -31.46 40.40 16.75
C LEU A 247 -32.67 40.15 15.85
N ALA A 248 -32.42 39.69 14.63
CA ALA A 248 -33.48 39.34 13.69
C ALA A 248 -34.21 38.06 14.10
N PHE A 249 -33.47 37.14 14.71
CA PHE A 249 -34.03 35.83 15.10
C PHE A 249 -34.34 35.71 16.59
N ARG A 250 -34.33 36.84 17.29
CA ARG A 250 -34.75 36.88 18.70
C ARG A 250 -36.16 37.46 18.85
N SER A 251 -36.46 38.47 18.04
CA SER A 251 -37.77 39.10 18.02
C SER A 251 -38.81 38.18 17.41
N HIS A 252 -38.39 37.41 16.40
CA HIS A 252 -39.26 36.48 15.69
C HIS A 252 -39.29 35.11 16.32
N ILE A 253 -38.35 34.87 17.24
CA ILE A 253 -38.37 33.68 18.09
C ILE A 253 -38.48 34.09 19.56
N SER A 254 -39.72 34.04 20.05
CA SER A 254 -40.09 34.48 21.41
C SER A 254 -38.99 34.26 22.45
N SER B 4 7.74 -38.56 -18.06
CA SER B 4 6.66 -38.15 -17.10
C SER B 4 7.08 -36.93 -16.28
N GLN B 5 6.11 -36.05 -16.04
CA GLN B 5 6.32 -34.84 -15.25
C GLN B 5 6.32 -35.14 -13.75
N SER B 6 5.92 -36.36 -13.40
CA SER B 6 5.87 -36.81 -12.02
C SER B 6 7.26 -36.92 -11.40
N PHE B 7 8.18 -37.61 -12.10
CA PHE B 7 9.56 -37.80 -11.65
C PHE B 7 10.29 -36.47 -11.51
N MET B 8 10.20 -35.65 -12.55
CA MET B 8 10.77 -34.30 -12.60
C MET B 8 10.49 -33.49 -11.33
N ARG B 9 9.23 -33.46 -10.93
CA ARG B 9 8.78 -32.63 -9.80
C ARG B 9 9.23 -33.19 -8.45
N THR B 10 9.21 -34.51 -8.32
CA THR B 10 9.60 -35.18 -7.08
C THR B 10 11.11 -35.02 -6.83
N LEU B 11 11.91 -35.33 -7.84
CA LEU B 11 13.36 -35.18 -7.78
C LEU B 11 13.76 -33.70 -7.65
N GLY B 12 13.00 -32.84 -8.31
CA GLY B 12 13.17 -31.41 -8.19
C GLY B 12 12.90 -30.92 -6.78
N PHE B 13 11.83 -31.44 -6.18
CA PHE B 13 11.46 -31.09 -4.80
C PHE B 13 12.53 -31.55 -3.81
N LEU B 14 12.97 -32.80 -3.96
CA LEU B 14 13.97 -33.39 -3.06
C LEU B 14 15.34 -32.75 -3.22
N TYR B 15 15.83 -32.69 -4.46
CA TYR B 15 17.23 -32.36 -4.71
C TYR B 15 17.47 -31.06 -5.49
N GLY B 16 16.41 -30.52 -6.08
CA GLY B 16 16.50 -29.28 -6.83
C GLY B 16 17.20 -29.46 -8.16
N GLY B 17 17.51 -28.33 -8.81
CA GLY B 17 18.25 -28.32 -10.06
C GLY B 17 17.55 -28.98 -11.22
N ARG B 18 16.23 -28.82 -11.28
CA ARG B 18 15.43 -29.44 -12.35
C ARG B 18 14.33 -28.53 -12.93
N GLY B 19 14.53 -27.23 -12.81
CA GLY B 19 13.61 -26.26 -13.40
C GLY B 19 12.49 -25.83 -12.47
N MET B 20 11.62 -24.96 -12.99
CA MET B 20 10.60 -24.28 -12.19
C MET B 20 9.38 -25.12 -11.84
N ARG B 21 9.36 -26.37 -12.30
CA ARG B 21 8.23 -27.28 -12.02
C ARG B 21 8.08 -27.57 -10.54
N SER B 22 9.21 -27.65 -9.83
CA SER B 22 9.21 -27.96 -8.41
C SER B 22 9.30 -26.71 -7.53
N PHE B 23 9.22 -25.54 -8.16
CA PHE B 23 9.23 -24.28 -7.43
C PHE B 23 7.98 -24.14 -6.56
N LEU B 24 8.16 -23.61 -5.36
CA LEU B 24 7.09 -23.47 -4.37
C LEU B 24 5.76 -22.94 -4.93
N LEU B 25 5.83 -21.86 -5.69
CA LEU B 25 4.62 -21.19 -6.18
C LEU B 25 3.93 -21.92 -7.34
N ASN B 26 4.56 -22.99 -7.82
CA ASN B 26 3.96 -23.86 -8.83
C ASN B 26 3.38 -25.15 -8.23
N ARG B 27 3.55 -25.31 -6.93
CA ARG B 27 3.00 -26.48 -6.23
C ARG B 27 1.50 -26.32 -6.01
N LYS B 28 0.80 -27.44 -6.03
CA LYS B 28 -0.65 -27.42 -5.84
C LYS B 28 -1.03 -27.77 -4.40
N LYS B 29 -2.19 -27.26 -3.98
CA LYS B 29 -2.75 -27.58 -2.68
C LYS B 29 -3.54 -28.89 -2.77
N LYS B 30 -3.32 -29.77 -1.78
CA LYS B 30 -4.08 -31.00 -1.66
C LYS B 30 -5.48 -30.69 -1.16
N THR B 31 -6.49 -31.19 -1.88
CA THR B 31 -7.89 -31.00 -1.49
C THR B 31 -8.58 -32.33 -1.18
N ALA B 32 -9.87 -32.27 -0.90
CA ALA B 32 -10.70 -33.46 -0.73
C ALA B 32 -10.75 -34.27 -2.02
N GLU B 33 -10.88 -33.58 -3.16
CA GLU B 33 -10.93 -34.23 -4.46
C GLU B 33 -9.55 -34.69 -4.95
N GLY B 34 -8.63 -33.75 -5.10
CA GLY B 34 -7.28 -34.05 -5.56
C GLY B 34 -6.31 -32.91 -5.30
N PHE B 35 -5.97 -32.18 -6.35
CA PHE B 35 -5.09 -31.01 -6.25
C PHE B 35 -5.68 -29.81 -6.96
N ARG B 36 -5.41 -28.62 -6.42
CA ARG B 36 -5.85 -27.37 -7.01
C ARG B 36 -4.79 -26.28 -6.91
N LYS B 37 -4.87 -25.27 -7.78
CA LYS B 37 -3.95 -24.14 -7.78
C LYS B 37 -4.12 -23.28 -6.53
N ILE B 38 -3.05 -22.62 -6.12
CA ILE B 38 -3.06 -21.80 -4.92
C ILE B 38 -3.53 -20.37 -5.20
N GLN B 39 -4.40 -19.86 -4.33
CA GLN B 39 -4.88 -18.48 -4.42
C GLN B 39 -4.24 -17.64 -3.32
N GLY B 40 -4.54 -16.35 -3.30
CA GLY B 40 -4.00 -15.41 -2.31
C GLY B 40 -4.11 -15.89 -0.87
N ARG B 41 -5.28 -16.42 -0.52
CA ARG B 41 -5.53 -16.94 0.83
C ARG B 41 -4.56 -18.08 1.19
N ASP B 42 -4.33 -18.98 0.24
CA ASP B 42 -3.41 -20.09 0.44
C ASP B 42 -1.99 -19.63 0.70
N LEU B 43 -1.52 -18.64 -0.07
CA LEU B 43 -0.19 -18.09 0.10
C LEU B 43 -0.02 -17.38 1.45
N ILE B 44 -1.05 -16.63 1.84
CA ILE B 44 -1.10 -16.00 3.17
C ILE B 44 -0.95 -17.06 4.28
N ARG B 45 -1.65 -18.18 4.12
CA ARG B 45 -1.57 -19.30 5.05
C ARG B 45 -0.15 -19.87 5.14
N ILE B 46 0.46 -20.06 3.97
CA ILE B 46 1.83 -20.57 3.86
C ILE B 46 2.85 -19.64 4.51
N VAL B 47 2.69 -18.34 4.30
CA VAL B 47 3.65 -17.35 4.81
C VAL B 47 3.48 -17.06 6.30
N PHE B 48 2.24 -16.99 6.77
CA PHE B 48 1.96 -16.45 8.09
C PHE B 48 1.39 -17.42 9.14
N PHE B 49 0.85 -18.54 8.69
CA PHE B 49 0.12 -19.44 9.59
C PHE B 49 0.71 -20.86 9.65
N GLU B 50 0.14 -21.80 8.90
CA GLU B 50 0.58 -23.21 8.95
C GLU B 50 2.00 -23.42 8.44
N GLY B 51 2.40 -22.62 7.45
CA GLY B 51 3.65 -22.85 6.74
C GLY B 51 3.41 -23.60 5.44
N VAL B 52 4.48 -24.14 4.87
CA VAL B 52 4.45 -24.84 3.59
C VAL B 52 3.62 -26.14 3.61
N LEU B 53 3.46 -26.73 4.78
CA LEU B 53 2.71 -27.99 4.92
C LEU B 53 1.19 -27.80 4.83
N TYR B 54 0.77 -26.54 4.72
CA TYR B 54 -0.62 -26.20 4.42
C TYR B 54 -1.04 -26.78 3.08
N LEU B 55 -0.08 -26.91 2.16
CA LEU B 55 -0.29 -27.54 0.86
C LEU B 55 -0.62 -29.01 0.96
N ASN B 56 -0.21 -29.64 2.06
CA ASN B 56 -0.48 -31.05 2.32
C ASN B 56 -1.64 -31.28 3.29
N GLY B 57 -2.34 -30.21 3.66
CA GLY B 57 -3.54 -30.32 4.47
C GLY B 57 -3.39 -29.97 5.94
N LEU B 58 -2.20 -29.50 6.35
CA LEU B 58 -1.99 -29.05 7.72
C LEU B 58 -2.91 -27.87 8.01
N GLU B 59 -3.61 -27.95 9.14
CA GLU B 59 -4.59 -26.93 9.51
C GLU B 59 -4.41 -26.48 10.96
N ARG B 60 -4.48 -25.17 11.16
CA ARG B 60 -4.44 -24.60 12.50
C ARG B 60 -5.55 -23.55 12.65
N LYS B 61 -5.97 -23.33 13.90
CA LYS B 61 -6.96 -22.31 14.21
C LYS B 61 -6.31 -20.93 14.30
N PRO B 62 -7.00 -19.87 13.84
CA PRO B 62 -8.36 -19.88 13.31
C PRO B 62 -8.46 -20.38 11.87
N LYS B 63 -9.60 -20.97 11.52
CA LYS B 63 -9.89 -21.39 10.16
C LYS B 63 -9.99 -20.17 9.23
N LYS B 64 -10.78 -19.18 9.65
CA LYS B 64 -10.94 -17.95 8.87
C LYS B 64 -9.86 -16.95 9.24
N LEU B 65 -9.37 -16.22 8.23
CA LEU B 65 -8.35 -15.20 8.43
C LEU B 65 -8.87 -14.05 9.28
N PRO B 66 -8.07 -13.58 10.25
CA PRO B 66 -8.37 -12.33 10.96
C PRO B 66 -8.44 -11.16 9.97
N ARG B 67 -9.15 -10.11 10.34
CA ARG B 67 -9.42 -9.00 9.42
C ARG B 67 -8.16 -8.42 8.77
N ARG B 68 -7.10 -8.26 9.57
CA ARG B 68 -5.80 -7.76 9.09
C ARG B 68 -5.26 -8.57 7.92
N PHE B 69 -5.38 -9.89 8.02
CA PHE B 69 -4.86 -10.79 7.00
C PHE B 69 -5.83 -10.97 5.83
N PHE B 70 -7.14 -10.85 6.10
CA PHE B 70 -8.16 -10.92 5.07
C PHE B 70 -7.98 -9.81 4.03
N ASN B 71 -7.69 -8.60 4.51
CA ASN B 71 -7.44 -7.45 3.65
C ASN B 71 -6.23 -7.62 2.72
N MET B 72 -5.32 -8.52 3.08
CA MET B 72 -4.10 -8.78 2.30
C MET B 72 -4.34 -9.65 1.06
N VAL B 73 -5.47 -10.35 1.01
CA VAL B 73 -5.77 -11.32 -0.05
C VAL B 73 -5.58 -10.79 -1.48
N PRO B 74 -6.11 -9.59 -1.80
CA PRO B 74 -5.91 -9.06 -3.17
C PRO B 74 -4.44 -8.90 -3.56
N LEU B 75 -3.61 -8.47 -2.61
CA LEU B 75 -2.18 -8.27 -2.87
C LEU B 75 -1.43 -9.58 -3.06
N PHE B 76 -1.73 -10.57 -2.22
CA PHE B 76 -1.14 -11.90 -2.36
C PHE B 76 -1.72 -12.68 -3.54
N SER B 77 -2.95 -12.35 -3.95
CA SER B 77 -3.51 -12.91 -5.19
C SER B 77 -2.80 -12.32 -6.39
N GLN B 78 -2.54 -11.02 -6.33
CA GLN B 78 -1.79 -10.31 -7.38
C GLN B 78 -0.37 -10.90 -7.52
N LEU B 79 0.29 -11.13 -6.38
CA LEU B 79 1.59 -11.80 -6.35
C LEU B 79 1.56 -13.11 -7.14
N LEU B 80 0.55 -13.94 -6.88
CA LEU B 80 0.42 -15.23 -7.56
C LEU B 80 0.11 -15.12 -9.06
N ARG B 81 -0.70 -14.14 -9.43
CA ARG B 81 -1.01 -13.92 -10.85
C ARG B 81 0.21 -13.44 -11.63
N GLN B 82 1.02 -12.60 -11.00
CA GLN B 82 2.26 -12.10 -11.62
C GLN B 82 3.32 -13.21 -11.75
N HIS B 83 3.35 -14.13 -10.78
CA HIS B 83 4.22 -15.30 -10.86
C HIS B 83 3.85 -16.19 -12.01
N ARG B 84 2.55 -16.42 -12.21
CA ARG B 84 2.07 -17.28 -13.30
C ARG B 84 2.26 -16.66 -14.68
N ARG B 85 2.29 -15.33 -14.72
CA ARG B 85 2.63 -14.58 -15.92
C ARG B 85 4.14 -14.56 -16.19
N CYS B 86 4.93 -14.56 -15.11
CA CYS B 86 6.37 -14.33 -15.18
C CYS B 86 7.10 -15.24 -16.17
N PRO B 87 7.79 -14.63 -17.15
CA PRO B 87 8.56 -15.39 -18.15
C PRO B 87 9.96 -15.69 -17.63
N TYR B 88 10.06 -16.69 -16.76
CA TYR B 88 11.33 -17.04 -16.11
C TYR B 88 12.44 -17.40 -17.08
N SER B 89 12.08 -18.02 -18.20
CA SER B 89 13.05 -18.42 -19.21
C SER B 89 13.71 -17.21 -19.82
N ARG B 90 12.91 -16.22 -20.19
CA ARG B 90 13.43 -14.97 -20.74
C ARG B 90 14.33 -14.26 -19.75
N LEU B 91 13.90 -14.22 -18.49
CA LEU B 91 14.65 -13.52 -17.47
C LEU B 91 16.03 -14.14 -17.30
N LEU B 92 16.09 -15.46 -17.38
CA LEU B 92 17.34 -16.19 -17.36
C LEU B 92 18.14 -15.92 -18.63
N GLN B 93 17.46 -15.93 -19.77
CA GLN B 93 18.12 -15.71 -21.04
C GLN B 93 18.57 -14.26 -21.19
N LYS B 94 18.08 -13.37 -20.35
CA LYS B 94 18.61 -12.03 -20.38
C LYS B 94 19.51 -11.69 -19.18
N THR B 95 19.86 -12.70 -18.40
CA THR B 95 20.80 -12.54 -17.30
C THR B 95 22.00 -13.49 -17.42
N CYS B 96 21.73 -14.76 -17.68
CA CYS B 96 22.79 -15.74 -17.84
C CYS B 96 22.39 -16.71 -18.96
N PRO B 97 22.55 -16.30 -20.23
CA PRO B 97 22.02 -17.06 -21.35
C PRO B 97 22.74 -18.38 -21.61
N LEU B 98 21.99 -19.36 -22.10
CA LEU B 98 22.52 -20.64 -22.55
C LEU B 98 23.19 -20.46 -23.91
N VAL B 99 24.36 -21.09 -24.07
CA VAL B 99 25.10 -21.04 -25.32
C VAL B 99 25.24 -22.45 -25.88
N GLY B 100 24.54 -22.71 -26.97
CA GLY B 100 24.60 -24.00 -27.67
C GLY B 100 24.15 -25.21 -26.86
N ILE B 101 23.02 -25.08 -26.17
CA ILE B 101 22.47 -26.19 -25.38
C ILE B 101 21.36 -26.90 -26.15
N LYS B 102 20.34 -26.13 -26.54
CA LYS B 102 19.18 -26.65 -27.28
C LYS B 102 19.54 -27.02 -28.73
N ASP B 103 20.80 -26.77 -29.10
CA ASP B 103 21.29 -27.08 -30.44
C ASP B 103 22.22 -28.29 -30.41
N ALA B 104 23.50 -28.07 -30.75
CA ALA B 104 24.50 -29.14 -30.84
C ALA B 104 24.10 -30.21 -31.89
N GLY B 105 24.41 -31.50 -31.70
CA GLY B 105 25.11 -32.02 -30.53
C GLY B 105 26.40 -32.75 -30.88
N GLN B 106 27.39 -31.98 -31.34
CA GLN B 106 28.71 -32.53 -31.63
C GLN B 106 29.79 -31.96 -30.70
N ALA B 107 29.37 -31.11 -29.76
CA ALA B 107 30.29 -30.45 -28.83
C ALA B 107 30.70 -31.36 -27.67
N GLU B 108 31.99 -31.33 -27.33
CA GLU B 108 32.55 -32.13 -26.24
C GLU B 108 32.16 -31.55 -24.88
N LEU B 109 32.43 -32.32 -23.82
CA LEU B 109 32.11 -31.95 -22.45
C LEU B 109 32.76 -30.63 -22.01
N SER B 110 33.99 -30.41 -22.47
CA SER B 110 34.82 -29.28 -22.06
C SER B 110 34.24 -27.92 -22.47
N SER B 111 33.50 -27.89 -23.57
CA SER B 111 32.90 -26.65 -24.08
C SER B 111 31.74 -26.14 -23.21
N PHE B 112 31.38 -26.90 -22.18
CA PHE B 112 30.26 -26.55 -21.30
C PHE B 112 30.72 -26.21 -19.88
N LEU B 113 31.89 -26.70 -19.49
CA LEU B 113 32.46 -26.43 -18.17
C LEU B 113 32.59 -24.94 -17.81
N PRO B 114 33.01 -24.09 -18.77
CA PRO B 114 33.07 -22.66 -18.44
C PRO B 114 31.72 -21.94 -18.52
N GLN B 115 30.68 -22.64 -18.96
CA GLN B 115 29.35 -22.04 -19.07
C GLN B 115 28.58 -22.07 -17.75
N HIS B 116 29.16 -21.47 -16.71
CA HIS B 116 28.49 -21.29 -15.44
C HIS B 116 28.17 -19.83 -15.21
N CYS B 117 27.44 -19.55 -14.14
CA CYS B 117 26.99 -18.19 -13.84
C CYS B 117 27.63 -17.64 -12.57
N GLY B 118 28.15 -16.42 -12.65
CA GLY B 118 28.63 -15.72 -11.47
C GLY B 118 27.48 -15.42 -10.53
N SER B 119 27.78 -15.35 -9.24
CA SER B 119 26.74 -15.11 -8.22
C SER B 119 26.11 -13.73 -8.35
N HIS B 120 26.88 -12.77 -8.87
CA HIS B 120 26.38 -11.44 -9.22
C HIS B 120 25.38 -11.50 -10.34
N ARG B 121 25.55 -12.47 -11.23
CA ARG B 121 24.62 -12.72 -12.33
C ARG B 121 23.37 -13.44 -11.84
N VAL B 122 23.54 -14.30 -10.85
CA VAL B 122 22.43 -14.98 -10.18
C VAL B 122 21.56 -13.94 -9.48
N TYR B 123 22.20 -12.94 -8.86
CA TYR B 123 21.50 -11.82 -8.25
C TYR B 123 20.63 -11.09 -9.26
N LEU B 124 21.20 -10.82 -10.44
CA LEU B 124 20.50 -10.07 -11.48
C LEU B 124 19.21 -10.77 -11.89
N PHE B 125 19.27 -12.09 -12.04
CA PHE B 125 18.08 -12.91 -12.32
C PHE B 125 17.07 -12.82 -11.18
N VAL B 126 17.53 -13.04 -9.95
CA VAL B 126 16.68 -12.96 -8.76
C VAL B 126 16.01 -11.59 -8.62
N ARG B 127 16.80 -10.53 -8.78
CA ARG B 127 16.31 -9.14 -8.71
C ARG B 127 15.19 -8.89 -9.72
N GLU B 128 15.40 -9.36 -10.94
CA GLU B 128 14.42 -9.21 -12.01
C GLU B 128 13.13 -10.00 -11.73
N CYS B 129 13.25 -11.15 -11.08
CA CYS B 129 12.09 -11.91 -10.63
C CYS B 129 11.31 -11.16 -9.57
N LEU B 130 12.03 -10.66 -8.56
CA LEU B 130 11.42 -9.87 -7.48
C LEU B 130 10.66 -8.66 -8.01
N LEU B 131 11.25 -7.98 -8.99
CA LEU B 131 10.62 -6.82 -9.63
C LEU B 131 9.38 -7.22 -10.44
N ALA B 132 9.46 -8.36 -11.12
CA ALA B 132 8.38 -8.81 -12.01
C ALA B 132 7.22 -9.50 -11.28
N VAL B 133 7.49 -10.02 -10.09
CA VAL B 133 6.49 -10.85 -9.38
C VAL B 133 5.87 -10.16 -8.15
N ILE B 134 6.71 -9.59 -7.31
CA ILE B 134 6.25 -9.00 -6.04
C ILE B 134 5.59 -7.64 -6.28
N PRO B 135 4.32 -7.49 -5.84
CA PRO B 135 3.63 -6.21 -5.90
C PRO B 135 4.36 -5.13 -5.10
N GLN B 136 4.53 -3.95 -5.69
CA GLN B 136 5.28 -2.85 -5.08
C GLN B 136 4.73 -2.42 -3.72
N GLU B 137 3.41 -2.45 -3.59
CA GLU B 137 2.73 -2.13 -2.35
C GLU B 137 3.36 -2.86 -1.16
N LEU B 138 3.74 -4.12 -1.40
CA LEU B 138 4.30 -4.98 -0.37
C LEU B 138 5.65 -4.52 0.18
N TRP B 139 6.43 -3.83 -0.65
CA TRP B 139 7.68 -3.24 -0.20
C TRP B 139 7.44 -2.09 0.73
N GLY B 140 6.30 -1.42 0.55
CA GLY B 140 5.93 -0.26 1.36
C GLY B 140 6.51 1.02 0.79
N SER B 141 7.75 0.92 0.32
CA SER B 141 8.47 2.06 -0.21
C SER B 141 9.64 1.62 -1.07
N GLU B 142 10.19 2.59 -1.79
CA GLU B 142 11.38 2.40 -2.59
C GLU B 142 12.58 2.19 -1.67
N HIS B 143 12.58 2.90 -0.56
CA HIS B 143 13.60 2.76 0.46
C HIS B 143 13.75 1.34 0.92
N ASN B 144 12.62 0.70 1.22
CA ASN B 144 12.61 -0.67 1.73
C ASN B 144 13.04 -1.70 0.69
N ARG B 145 12.55 -1.54 -0.53
CA ARG B 145 12.87 -2.45 -1.62
C ARG B 145 14.35 -2.40 -1.99
N LEU B 146 14.88 -1.20 -2.15
CA LEU B 146 16.30 -0.99 -2.42
C LEU B 146 17.18 -1.59 -1.33
N LEU B 147 16.76 -1.41 -0.08
CA LEU B 147 17.47 -1.95 1.06
C LEU B 147 17.44 -3.48 1.10
N TYR B 148 16.27 -4.06 0.81
CA TYR B 148 16.10 -5.52 0.81
C TYR B 148 16.90 -6.17 -0.33
N PHE B 149 16.89 -5.52 -1.48
CA PHE B 149 17.66 -5.96 -2.64
C PHE B 149 19.16 -6.00 -2.32
N ALA B 150 19.63 -5.01 -1.58
CA ALA B 150 21.02 -4.98 -1.12
C ALA B 150 21.34 -6.16 -0.23
N ARG B 151 20.42 -6.46 0.70
CA ARG B 151 20.52 -7.64 1.56
C ARG B 151 20.60 -8.94 0.76
N VAL B 152 19.76 -9.04 -0.27
CA VAL B 152 19.75 -10.21 -1.18
C VAL B 152 21.11 -10.37 -1.90
N ARG B 153 21.64 -9.26 -2.39
CA ARG B 153 22.94 -9.24 -3.06
C ARG B 153 24.03 -9.78 -2.14
N PHE B 154 24.07 -9.24 -0.92
CA PHE B 154 24.99 -9.66 0.12
C PHE B 154 24.85 -11.15 0.42
N PHE B 155 23.62 -11.62 0.48
CA PHE B 155 23.31 -13.01 0.76
C PHE B 155 23.85 -13.94 -0.32
N LEU B 156 23.53 -13.62 -1.56
CA LEU B 156 23.98 -14.41 -2.71
C LEU B 156 25.41 -14.04 -3.13
N ARG B 157 26.10 -13.30 -2.28
CA ARG B 157 27.48 -12.87 -2.54
C ARG B 157 28.44 -14.04 -2.60
N SER B 158 28.98 -14.29 -3.80
CA SER B 158 29.93 -15.39 -4.06
C SER B 158 29.32 -16.52 -4.90
N GLY B 159 28.19 -17.09 -4.47
CA GLY B 159 27.48 -16.72 -3.25
C GLY B 159 27.83 -17.62 -2.08
N LYS B 160 27.92 -17.03 -0.88
CA LYS B 160 28.24 -17.79 0.31
C LYS B 160 26.99 -18.11 1.12
N PHE B 161 25.83 -17.84 0.53
CA PHE B 161 24.55 -18.02 1.21
C PHE B 161 24.71 -17.71 2.70
N GLU B 162 25.27 -16.53 2.92
CA GLU B 162 25.60 -15.99 4.23
C GLU B 162 24.32 -15.79 5.03
N ARG B 163 24.16 -16.63 6.05
CA ARG B 163 22.94 -16.64 6.86
C ARG B 163 22.74 -15.31 7.55
N LEU B 164 21.64 -14.65 7.19
CA LEU B 164 21.26 -13.40 7.82
C LEU B 164 20.29 -13.68 8.93
N SER B 165 20.39 -12.93 10.02
CA SER B 165 19.36 -12.95 11.03
C SER B 165 18.21 -12.10 10.52
N VAL B 166 17.01 -12.38 11.03
CA VAL B 166 15.84 -11.58 10.66
C VAL B 166 16.07 -10.13 11.05
N ALA B 167 16.68 -9.91 12.22
CA ALA B 167 17.02 -8.57 12.69
C ALA B 167 17.99 -7.85 11.76
N GLU B 168 18.90 -8.61 11.14
CA GLU B 168 19.86 -8.06 10.18
C GLU B 168 19.20 -7.78 8.83
N LEU B 169 18.30 -8.66 8.42
CA LEU B 169 17.53 -8.50 7.19
C LEU B 169 16.56 -7.32 7.29
N MET B 170 16.03 -7.11 8.49
CA MET B 170 15.04 -6.06 8.77
C MET B 170 15.68 -4.71 9.11
N TRP B 171 17.00 -4.70 9.27
CA TRP B 171 17.75 -3.53 9.70
C TRP B 171 17.54 -2.32 8.82
N LYS B 172 16.95 -1.28 9.42
CA LYS B 172 16.61 0.00 8.77
C LYS B 172 15.37 -0.04 7.89
N ILE B 173 14.76 -1.21 7.72
CA ILE B 173 13.47 -1.33 7.03
C ILE B 173 12.44 -0.50 7.79
N LYS B 174 11.69 0.33 7.07
CA LYS B 174 10.65 1.14 7.68
C LYS B 174 9.33 0.39 7.66
N VAL B 175 9.03 -0.25 8.79
CA VAL B 175 7.83 -1.07 8.97
C VAL B 175 6.56 -0.32 8.58
N ASN B 176 6.46 0.92 9.06
CA ASN B 176 5.25 1.73 8.88
C ASN B 176 5.00 2.23 7.45
N ASN B 177 5.95 2.00 6.53
CA ASN B 177 5.72 2.27 5.11
C ASN B 177 4.74 1.27 4.50
N CYS B 178 4.70 0.06 5.07
CA CYS B 178 3.88 -1.02 4.54
C CYS B 178 2.44 -0.94 5.05
N ASP B 179 1.57 -0.36 4.22
CA ASP B 179 0.15 -0.19 4.54
C ASP B 179 -0.60 -1.50 4.65
N TRP B 180 -0.11 -2.54 3.97
CA TRP B 180 -0.74 -3.86 4.00
C TRP B 180 -0.67 -4.52 5.36
N LEU B 181 0.29 -4.10 6.17
CA LEU B 181 0.46 -4.62 7.54
C LEU B 181 -0.61 -4.12 8.50
N LYS B 182 -1.34 -3.07 8.10
CA LYS B 182 -2.20 -2.31 9.01
C LYS B 182 -3.67 -2.66 8.92
N ILE B 183 -4.36 -2.60 10.06
CA ILE B 183 -5.81 -2.67 10.11
C ILE B 183 -6.40 -1.28 9.98
N SER B 184 -5.65 -0.29 10.48
CA SER B 184 -6.03 1.11 10.38
C SER B 184 -4.87 1.94 9.85
N LYS B 185 -5.19 2.85 8.93
CA LYS B 185 -4.23 3.77 8.35
C LYS B 185 -4.00 4.99 9.25
N THR B 186 -4.96 5.23 10.14
CA THR B 186 -4.97 6.40 11.01
C THR B 186 -4.93 6.04 12.50
N GLY B 187 -4.63 7.02 13.33
CA GLY B 187 -4.66 6.87 14.78
C GLY B 187 -3.31 6.59 15.40
N ARG B 188 -3.28 6.56 16.72
CA ARG B 188 -2.08 6.22 17.48
C ARG B 188 -1.68 4.77 17.24
N VAL B 189 -0.37 4.54 17.19
CA VAL B 189 0.18 3.20 17.07
C VAL B 189 0.87 2.83 18.39
N PRO B 190 0.16 2.08 19.26
CA PRO B 190 0.72 1.64 20.54
C PRO B 190 1.89 0.69 20.36
N PRO B 191 2.84 0.67 21.31
CA PRO B 191 4.02 -0.19 21.28
C PRO B 191 3.78 -1.62 20.77
N SER B 192 2.74 -2.28 21.28
CA SER B 192 2.42 -3.66 20.91
C SER B 192 1.99 -3.81 19.45
N GLU B 193 1.34 -2.77 18.92
CA GLU B 193 0.95 -2.73 17.51
C GLU B 193 2.16 -2.63 16.59
N LEU B 194 3.15 -1.84 17.00
CA LEU B 194 4.40 -1.74 16.25
C LEU B 194 5.18 -3.05 16.32
N SER B 195 5.15 -3.69 17.49
CA SER B 195 5.76 -5.01 17.68
C SER B 195 5.14 -6.03 16.73
N TYR B 196 3.81 -6.01 16.64
CA TYR B 196 3.05 -6.95 15.82
C TYR B 196 3.27 -6.76 14.32
N ARG B 197 3.24 -5.49 13.88
CA ARG B 197 3.54 -5.12 12.49
C ARG B 197 4.93 -5.58 12.07
N THR B 198 5.91 -5.39 12.96
CA THR B 198 7.30 -5.82 12.76
C THR B 198 7.41 -7.34 12.60
N GLN B 199 6.70 -8.07 13.46
CA GLN B 199 6.69 -9.53 13.41
C GLN B 199 6.19 -10.04 12.05
N ILE B 200 5.09 -9.46 11.57
CA ILE B 200 4.47 -9.86 10.31
C ILE B 200 5.40 -9.59 9.12
N LEU B 201 5.92 -8.36 9.04
CA LEU B 201 6.85 -7.98 7.99
C LEU B 201 8.09 -8.89 7.98
N GLY B 202 8.59 -9.22 9.16
CA GLY B 202 9.69 -10.15 9.32
C GLY B 202 9.38 -11.52 8.73
N GLN B 203 8.22 -12.07 9.09
CA GLN B 203 7.75 -13.34 8.53
C GLN B 203 7.75 -13.31 7.00
N PHE B 204 7.21 -12.24 6.44
CA PHE B 204 7.12 -12.07 4.99
C PHE B 204 8.51 -11.95 4.35
N LEU B 205 9.37 -11.12 4.93
CA LEU B 205 10.69 -10.87 4.37
C LEU B 205 11.64 -12.07 4.50
N ALA B 206 11.50 -12.81 5.61
CA ALA B 206 12.25 -14.06 5.79
C ALA B 206 11.80 -15.10 4.77
N TRP B 207 10.47 -15.23 4.61
CA TRP B 207 9.90 -16.14 3.61
C TRP B 207 10.34 -15.79 2.22
N LEU B 208 10.42 -14.50 1.93
CA LEU B 208 10.83 -14.02 0.62
C LEU B 208 12.27 -14.44 0.30
N LEU B 209 13.14 -14.43 1.31
CA LEU B 209 14.52 -14.88 1.11
C LEU B 209 14.62 -16.40 1.04
N ASP B 210 13.99 -17.10 1.98
CA ASP B 210 14.09 -18.56 2.06
C ASP B 210 13.14 -19.29 1.09
N GLY B 211 11.89 -18.85 1.05
CA GLY B 211 10.90 -19.46 0.18
C GLY B 211 11.12 -19.07 -1.27
N PHE B 212 11.08 -17.77 -1.53
CA PHE B 212 11.14 -17.26 -2.90
C PHE B 212 12.54 -17.29 -3.52
N VAL B 213 13.48 -16.56 -2.92
CA VAL B 213 14.82 -16.39 -3.51
C VAL B 213 15.63 -17.69 -3.54
N VAL B 214 15.80 -18.33 -2.39
CA VAL B 214 16.47 -19.63 -2.33
C VAL B 214 15.76 -20.64 -3.24
N GLY B 215 14.43 -20.65 -3.20
CA GLY B 215 13.63 -21.51 -4.08
C GLY B 215 13.98 -21.33 -5.54
N LEU B 216 14.23 -20.07 -5.92
CA LEU B 216 14.58 -19.68 -7.28
C LEU B 216 15.96 -20.19 -7.70
N VAL B 217 16.96 -20.01 -6.83
CA VAL B 217 18.32 -20.50 -7.07
C VAL B 217 18.31 -22.02 -7.12
N ARG B 218 17.54 -22.62 -6.21
CA ARG B 218 17.41 -24.06 -6.08
C ARG B 218 16.81 -24.72 -7.33
N ALA B 219 15.85 -24.03 -7.97
CA ALA B 219 15.14 -24.58 -9.12
C ALA B 219 15.90 -24.40 -10.43
N CYS B 220 16.47 -23.22 -10.65
CA CYS B 220 17.02 -22.84 -11.94
C CYS B 220 18.51 -23.12 -12.08
N PHE B 221 19.18 -23.37 -10.96
CA PHE B 221 20.62 -23.61 -10.96
C PHE B 221 20.98 -24.86 -10.18
N TYR B 222 22.14 -25.42 -10.51
CA TYR B 222 22.80 -26.37 -9.66
C TYR B 222 24.18 -25.82 -9.28
N ALA B 223 24.51 -25.90 -8.01
CA ALA B 223 25.79 -25.39 -7.53
C ALA B 223 26.69 -26.50 -7.02
N THR B 224 27.96 -26.45 -7.43
CA THR B 224 28.94 -27.45 -7.04
C THR B 224 30.30 -26.83 -6.69
N GLU B 225 31.04 -27.52 -5.82
CA GLU B 225 32.37 -27.09 -5.42
C GLU B 225 33.41 -27.93 -6.16
N SER B 226 32.98 -28.54 -7.25
CA SER B 226 33.80 -29.47 -8.03
C SER B 226 34.69 -28.76 -9.06
N MET B 227 34.96 -29.45 -10.17
CA MET B 227 35.84 -28.97 -11.24
C MET B 227 37.18 -28.52 -10.65
N GLY B 228 37.91 -29.51 -10.11
CA GLY B 228 39.11 -29.32 -9.31
C GLY B 228 40.14 -28.31 -9.80
N GLN B 229 39.95 -27.06 -9.42
CA GLN B 229 40.87 -25.98 -9.75
C GLN B 229 41.03 -25.08 -8.53
N LYS B 230 39.90 -24.68 -7.96
CA LYS B 230 39.85 -23.84 -6.76
C LYS B 230 38.81 -24.39 -5.79
N ASN B 231 38.60 -23.69 -4.67
CA ASN B 231 37.58 -24.09 -3.69
C ASN B 231 36.26 -23.32 -3.84
N ALA B 232 36.17 -22.50 -4.88
CA ALA B 232 35.01 -21.65 -5.11
C ALA B 232 33.78 -22.41 -5.61
N ILE B 233 32.61 -21.78 -5.51
CA ILE B 233 31.35 -22.35 -5.99
C ILE B 233 31.06 -21.93 -7.43
N ARG B 234 30.67 -22.90 -8.25
CA ARG B 234 30.17 -22.61 -9.59
C ARG B 234 28.66 -22.84 -9.66
N PHE B 235 27.93 -21.81 -10.07
CA PHE B 235 26.50 -21.94 -10.35
C PHE B 235 26.28 -22.30 -11.81
N TYR B 236 25.78 -23.49 -12.07
CA TYR B 236 25.38 -23.87 -13.41
C TYR B 236 23.89 -23.77 -13.55
N ARG B 237 23.43 -23.16 -14.64
CA ARG B 237 22.03 -23.24 -14.99
C ARG B 237 21.65 -24.70 -15.18
N GLN B 238 20.49 -25.08 -14.65
CA GLN B 238 20.02 -26.47 -14.63
C GLN B 238 20.19 -27.21 -15.97
N GLU B 239 19.94 -26.51 -17.07
CA GLU B 239 20.03 -27.08 -18.41
C GLU B 239 21.48 -27.44 -18.80
N VAL B 240 22.41 -26.57 -18.42
CA VAL B 240 23.84 -26.80 -18.67
C VAL B 240 24.32 -28.01 -17.87
N TRP B 241 23.91 -28.06 -16.61
CA TRP B 241 24.26 -29.17 -15.71
C TRP B 241 23.78 -30.49 -16.19
N ALA B 242 22.53 -30.54 -16.66
CA ALA B 242 21.92 -31.76 -17.17
C ALA B 242 22.69 -32.32 -18.36
N LYS B 243 23.08 -31.43 -19.28
CA LYS B 243 23.89 -31.83 -20.45
C LYS B 243 25.28 -32.31 -20.02
N LEU B 244 25.91 -31.58 -19.11
CA LEU B 244 27.19 -32.00 -18.53
C LEU B 244 27.11 -33.40 -17.95
N GLN B 245 26.07 -33.66 -17.15
CA GLN B 245 25.82 -34.98 -16.58
C GLN B 245 25.67 -36.03 -17.68
N ASP B 246 24.83 -35.72 -18.67
CA ASP B 246 24.59 -36.60 -19.81
C ASP B 246 25.89 -36.95 -20.53
N LEU B 247 26.66 -35.93 -20.89
CA LEU B 247 27.92 -36.13 -21.61
C LEU B 247 28.92 -36.97 -20.84
N ALA B 248 29.07 -36.68 -19.54
CA ALA B 248 30.05 -37.36 -18.69
C ALA B 248 29.75 -38.85 -18.47
N PHE B 249 28.46 -39.20 -18.51
CA PHE B 249 28.03 -40.58 -18.24
C PHE B 249 27.85 -41.45 -19.49
N ARG B 250 27.24 -40.87 -20.53
CA ARG B 250 27.07 -41.59 -21.81
C ARG B 250 28.39 -41.81 -22.54
N SER B 251 29.41 -41.02 -22.17
CA SER B 251 30.75 -41.17 -22.70
C SER B 251 31.47 -42.37 -22.10
N HIS B 252 31.04 -42.80 -20.91
CA HIS B 252 31.60 -43.98 -20.27
C HIS B 252 30.89 -45.22 -20.74
N ILE B 253 29.84 -45.64 -20.03
CA ILE B 253 29.04 -46.81 -20.43
C ILE B 253 27.53 -46.59 -20.44
N SER B 254 27.06 -45.68 -19.59
CA SER B 254 25.62 -45.42 -19.41
C SER B 254 24.90 -45.13 -20.72
N SER C 4 36.77 -26.65 2.39
CA SER C 4 36.21 -26.16 3.68
C SER C 4 34.96 -26.94 4.09
N GLN C 5 34.67 -26.93 5.39
CA GLN C 5 33.43 -27.50 5.92
C GLN C 5 32.25 -26.57 5.67
N SER C 6 32.56 -25.30 5.39
CA SER C 6 31.56 -24.27 5.15
C SER C 6 30.76 -24.49 3.85
N PHE C 7 31.47 -24.88 2.79
CA PHE C 7 30.85 -25.13 1.48
C PHE C 7 29.91 -26.33 1.51
N MET C 8 30.34 -27.41 2.15
CA MET C 8 29.59 -28.68 2.18
C MET C 8 28.27 -28.58 2.94
N ARG C 9 28.25 -27.82 4.03
CA ARG C 9 27.02 -27.58 4.80
C ARG C 9 25.98 -26.84 3.96
N THR C 10 26.41 -25.80 3.27
CA THR C 10 25.54 -24.95 2.46
C THR C 10 25.03 -25.67 1.20
N LEU C 11 25.93 -26.35 0.50
CA LEU C 11 25.56 -27.10 -0.70
C LEU C 11 24.62 -28.26 -0.38
N GLY C 12 24.85 -28.90 0.77
CA GLY C 12 23.98 -29.95 1.27
C GLY C 12 22.62 -29.42 1.67
N PHE C 13 22.59 -28.20 2.21
CA PHE C 13 21.34 -27.54 2.56
C PHE C 13 20.52 -27.21 1.31
N LEU C 14 21.18 -26.68 0.29
CA LEU C 14 20.52 -26.32 -0.97
C LEU C 14 20.09 -27.54 -1.79
N TYR C 15 21.00 -28.50 -1.99
CA TYR C 15 20.78 -29.58 -2.95
C TYR C 15 20.84 -30.99 -2.37
N GLY C 16 21.21 -31.11 -1.09
CA GLY C 16 21.24 -32.41 -0.41
C GLY C 16 22.30 -33.34 -0.95
N GLY C 17 22.24 -34.60 -0.51
CA GLY C 17 23.12 -35.65 -0.99
C GLY C 17 24.58 -35.48 -0.61
N ARG C 18 24.82 -34.94 0.58
CA ARG C 18 26.18 -34.65 1.04
C ARG C 18 26.45 -35.20 2.44
N GLY C 19 25.47 -35.90 3.01
CA GLY C 19 25.62 -36.47 4.35
C GLY C 19 24.89 -35.71 5.43
N MET C 20 25.05 -36.19 6.66
CA MET C 20 24.26 -35.73 7.81
C MET C 20 24.63 -34.36 8.38
N ARG C 21 25.71 -33.76 7.86
CA ARG C 21 26.13 -32.43 8.32
C ARG C 21 25.09 -31.35 8.00
N SER C 22 24.39 -31.52 6.88
CA SER C 22 23.34 -30.60 6.46
C SER C 22 21.94 -31.05 6.87
N PHE C 23 21.86 -32.12 7.67
CA PHE C 23 20.58 -32.61 8.20
C PHE C 23 20.01 -31.63 9.23
N LEU C 24 18.71 -31.35 9.12
CA LEU C 24 18.01 -30.36 9.96
C LEU C 24 18.45 -30.31 11.43
N LEU C 25 18.44 -31.46 12.11
CA LEU C 25 18.73 -31.51 13.55
C LEU C 25 20.19 -31.19 13.89
N ASN C 26 21.04 -31.16 12.85
CA ASN C 26 22.44 -30.77 13.01
C ASN C 26 22.71 -29.30 12.69
N ARG C 27 21.68 -28.60 12.21
CA ARG C 27 21.79 -27.16 11.97
C ARG C 27 21.82 -26.40 13.29
N LYS C 28 22.52 -25.29 13.29
CA LYS C 28 22.71 -24.49 14.50
C LYS C 28 21.86 -23.22 14.47
N LYS C 29 21.35 -22.83 15.64
CA LYS C 29 20.61 -21.58 15.77
C LYS C 29 21.59 -20.41 15.76
N LYS C 30 21.19 -19.31 15.12
CA LYS C 30 22.03 -18.11 15.06
C LYS C 30 21.88 -17.30 16.34
N THR C 31 23.01 -16.95 16.93
CA THR C 31 23.05 -16.17 18.17
C THR C 31 23.69 -14.80 17.94
N ALA C 32 23.92 -14.06 19.02
CA ALA C 32 24.49 -12.73 18.95
C ALA C 32 25.92 -12.72 18.42
N GLU C 33 26.73 -13.69 18.84
CA GLU C 33 28.16 -13.70 18.50
C GLU C 33 28.58 -14.90 17.64
N GLY C 34 27.65 -15.79 17.35
CA GLY C 34 27.95 -16.96 16.52
C GLY C 34 26.78 -17.91 16.33
N PHE C 35 27.00 -19.17 16.69
CA PHE C 35 26.03 -20.24 16.48
C PHE C 35 26.07 -21.23 17.64
N ARG C 36 24.92 -21.83 17.93
CA ARG C 36 24.83 -22.87 18.96
C ARG C 36 23.93 -24.03 18.52
N LYS C 37 24.20 -25.21 19.07
CA LYS C 37 23.35 -26.38 18.83
C LYS C 37 21.92 -26.16 19.31
N ILE C 38 20.98 -26.84 18.68
CA ILE C 38 19.57 -26.75 19.07
C ILE C 38 19.30 -27.57 20.32
N GLN C 39 18.40 -27.07 21.16
CA GLN C 39 17.96 -27.80 22.36
C GLN C 39 16.46 -28.08 22.29
N GLY C 40 15.93 -28.80 23.27
CA GLY C 40 14.52 -29.15 23.33
C GLY C 40 13.56 -28.01 23.02
N ARG C 41 13.78 -26.88 23.68
CA ARG C 41 12.94 -25.69 23.53
C ARG C 41 13.01 -25.12 22.11
N ASP C 42 14.20 -25.17 21.51
CA ASP C 42 14.40 -24.70 20.13
C ASP C 42 13.61 -25.56 19.13
N LEU C 43 13.72 -26.87 19.27
CA LEU C 43 13.03 -27.83 18.41
C LEU C 43 11.52 -27.65 18.47
N ILE C 44 11.01 -27.43 19.67
CA ILE C 44 9.60 -27.17 19.89
C ILE C 44 9.13 -25.92 19.15
N ARG C 45 9.97 -24.90 19.12
CA ARG C 45 9.68 -23.69 18.35
C ARG C 45 9.76 -23.94 16.85
N ILE C 46 10.64 -24.85 16.45
CA ILE C 46 10.77 -25.22 15.05
C ILE C 46 9.56 -26.02 14.60
N VAL C 47 9.09 -26.91 15.45
CA VAL C 47 8.00 -27.81 15.11
C VAL C 47 6.62 -27.19 15.28
N PHE C 48 6.41 -26.40 16.33
CA PHE C 48 5.07 -25.95 16.65
C PHE C 48 4.80 -24.46 16.52
N PHE C 49 5.85 -23.65 16.42
CA PHE C 49 5.67 -22.21 16.41
C PHE C 49 6.18 -21.55 15.12
N GLU C 50 7.41 -21.05 15.14
CA GLU C 50 7.96 -20.30 14.00
C GLU C 50 8.31 -21.17 12.81
N GLY C 51 8.67 -22.42 13.06
CA GLY C 51 9.21 -23.28 12.01
C GLY C 51 10.71 -23.08 11.90
N VAL C 52 11.29 -23.64 10.83
CA VAL C 52 12.74 -23.67 10.63
C VAL C 52 13.44 -22.31 10.64
N LEU C 53 12.74 -21.25 10.21
CA LEU C 53 13.34 -19.92 10.15
C LEU C 53 13.62 -19.33 11.54
N TYR C 54 13.16 -20.05 12.58
CA TYR C 54 13.54 -19.78 13.96
C TYR C 54 15.06 -19.84 14.14
N LEU C 55 15.72 -20.70 13.37
CA LEU C 55 17.17 -20.86 13.42
C LEU C 55 17.91 -19.59 13.01
N ASN C 56 17.21 -18.68 12.35
CA ASN C 56 17.78 -17.40 11.93
C ASN C 56 17.24 -16.20 12.73
N GLY C 57 16.43 -16.46 13.75
CA GLY C 57 15.97 -15.41 14.64
C GLY C 57 14.56 -14.91 14.41
N LEU C 58 13.79 -15.61 13.58
CA LEU C 58 12.37 -15.31 13.43
C LEU C 58 11.69 -15.60 14.76
N GLU C 59 10.96 -14.61 15.26
CA GLU C 59 10.29 -14.73 16.55
C GLU C 59 8.84 -14.30 16.46
N ARG C 60 7.90 -15.22 16.81
CA ARG C 60 6.51 -14.85 16.99
C ARG C 60 6.15 -14.88 18.48
N LYS C 61 5.07 -14.25 18.84
CA LYS C 61 4.54 -14.35 20.20
C LYS C 61 3.80 -15.69 20.39
N PRO C 62 3.86 -16.27 21.61
CA PRO C 62 4.55 -15.74 22.80
C PRO C 62 6.04 -16.08 22.84
N LYS C 63 6.81 -15.26 23.55
CA LYS C 63 8.24 -15.51 23.76
C LYS C 63 8.48 -16.70 24.69
N LYS C 64 7.75 -16.74 25.80
CA LYS C 64 7.76 -17.89 26.69
C LYS C 64 6.75 -18.92 26.22
N LEU C 65 7.12 -20.20 26.33
CA LEU C 65 6.23 -21.29 25.99
C LEU C 65 5.04 -21.32 26.93
N PRO C 66 3.84 -21.60 26.40
CA PRO C 66 2.69 -21.93 27.26
C PRO C 66 2.99 -23.21 28.02
N ARG C 67 2.38 -23.38 29.19
CA ARG C 67 2.71 -24.51 30.07
C ARG C 67 2.66 -25.87 29.36
N ARG C 68 1.71 -26.02 28.45
CA ARG C 68 1.56 -27.24 27.66
C ARG C 68 2.83 -27.61 26.91
N PHE C 69 3.40 -26.64 26.20
CA PHE C 69 4.61 -26.85 25.41
C PHE C 69 5.87 -26.84 26.27
N PHE C 70 5.78 -26.17 27.42
CA PHE C 70 6.84 -26.18 28.42
C PHE C 70 7.04 -27.58 29.01
N ASN C 71 5.94 -28.32 29.12
CA ASN C 71 5.97 -29.69 29.65
C ASN C 71 6.61 -30.69 28.68
N MET C 72 6.68 -30.31 27.41
CA MET C 72 7.23 -31.17 26.36
C MET C 72 8.75 -31.08 26.24
N VAL C 73 9.33 -30.04 26.84
CA VAL C 73 10.78 -29.78 26.74
C VAL C 73 11.63 -31.02 27.05
N PRO C 74 11.41 -31.68 28.21
CA PRO C 74 12.16 -32.90 28.54
C PRO C 74 12.17 -33.95 27.42
N LEU C 75 11.01 -34.20 26.81
CA LEU C 75 10.87 -35.20 25.76
C LEU C 75 11.59 -34.83 24.46
N PHE C 76 11.47 -33.55 24.06
CA PHE C 76 12.12 -33.08 22.85
C PHE C 76 13.63 -32.91 23.04
N SER C 77 14.06 -32.73 24.29
CA SER C 77 15.48 -32.76 24.64
C SER C 77 16.04 -34.17 24.50
N GLN C 78 15.23 -35.15 24.91
CA GLN C 78 15.57 -36.56 24.79
C GLN C 78 15.70 -36.97 23.32
N LEU C 79 14.79 -36.44 22.49
CA LEU C 79 14.80 -36.69 21.05
C LEU C 79 16.12 -36.23 20.44
N LEU C 80 16.50 -34.99 20.74
CA LEU C 80 17.77 -34.43 20.29
C LEU C 80 18.97 -35.19 20.83
N ARG C 81 18.92 -35.50 22.13
CA ARG C 81 19.96 -36.28 22.80
C ARG C 81 20.14 -37.65 22.13
N GLN C 82 19.04 -38.29 21.76
CA GLN C 82 19.10 -39.58 21.07
C GLN C 82 19.51 -39.44 19.61
N HIS C 83 19.22 -38.29 19.00
CA HIS C 83 19.73 -37.98 17.66
C HIS C 83 21.23 -37.83 17.68
N ARG C 84 21.74 -37.19 18.71
CA ARG C 84 23.19 -36.97 18.85
C ARG C 84 23.96 -38.23 19.21
N ARG C 85 23.27 -39.24 19.74
CA ARG C 85 23.87 -40.55 20.04
C ARG C 85 23.72 -41.53 18.89
N CYS C 86 22.86 -41.19 17.94
CA CYS C 86 22.47 -42.12 16.88
C CYS C 86 23.60 -42.45 15.91
N PRO C 87 23.87 -43.76 15.72
CA PRO C 87 24.91 -44.22 14.81
C PRO C 87 24.37 -44.36 13.39
N TYR C 88 24.17 -43.23 12.72
CA TYR C 88 23.56 -43.21 11.39
C TYR C 88 24.31 -44.05 10.36
N SER C 89 25.64 -43.99 10.41
CA SER C 89 26.50 -44.75 9.50
C SER C 89 26.41 -46.26 9.72
N ARG C 90 26.21 -46.67 10.97
CA ARG C 90 26.03 -48.08 11.31
C ARG C 90 24.70 -48.59 10.77
N LEU C 91 23.65 -47.79 10.96
CA LEU C 91 22.31 -48.09 10.45
C LEU C 91 22.27 -48.17 8.94
N LEU C 92 23.00 -47.27 8.28
CA LEU C 92 23.17 -47.28 6.83
C LEU C 92 23.85 -48.56 6.35
N GLN C 93 24.89 -48.98 7.06
CA GLN C 93 25.61 -50.22 6.74
C GLN C 93 24.80 -51.47 7.09
N LYS C 94 23.98 -51.37 8.13
CA LYS C 94 23.10 -52.46 8.54
C LYS C 94 21.95 -52.68 7.57
N THR C 95 21.69 -51.69 6.71
CA THR C 95 20.54 -51.75 5.80
C THR C 95 20.93 -51.76 4.33
N CYS C 96 21.70 -50.77 3.88
CA CYS C 96 22.18 -50.74 2.51
C CYS C 96 23.69 -50.42 2.45
N PRO C 97 24.53 -51.44 2.68
CA PRO C 97 25.96 -51.23 2.91
C PRO C 97 26.75 -50.77 1.69
N LEU C 98 27.87 -50.09 1.94
CA LEU C 98 28.81 -49.69 0.90
C LEU C 98 29.68 -50.88 0.51
N VAL C 99 29.96 -51.00 -0.79
CA VAL C 99 30.81 -52.06 -1.31
C VAL C 99 32.00 -51.46 -2.06
N GLY C 100 33.18 -51.66 -1.51
CA GLY C 100 34.44 -51.23 -2.14
C GLY C 100 34.52 -49.77 -2.54
N ILE C 101 34.16 -48.88 -1.61
CA ILE C 101 34.27 -47.43 -1.84
C ILE C 101 35.71 -46.95 -1.57
N LYS C 102 36.36 -47.58 -0.61
CA LYS C 102 37.71 -47.20 -0.19
C LYS C 102 38.77 -47.66 -1.20
N ASP C 103 38.84 -48.97 -1.42
CA ASP C 103 39.81 -49.55 -2.34
C ASP C 103 39.38 -49.42 -3.80
N ALA C 104 40.17 -48.75 -4.64
CA ALA C 104 41.40 -48.05 -4.26
C ALA C 104 41.80 -46.99 -5.30
N GLY C 105 41.48 -47.20 -6.59
CA GLY C 105 40.67 -48.32 -7.07
C GLY C 105 41.45 -49.54 -7.52
N GLN C 106 41.77 -49.63 -8.81
CA GLN C 106 41.34 -48.66 -9.80
C GLN C 106 40.01 -49.11 -10.42
N ALA C 107 38.97 -49.10 -9.58
CA ALA C 107 37.64 -49.57 -9.97
C ALA C 107 37.00 -48.69 -11.03
N GLU C 108 36.20 -49.31 -11.89
CA GLU C 108 35.56 -48.63 -13.00
C GLU C 108 34.18 -48.12 -12.62
N LEU C 109 33.62 -47.25 -13.46
CA LEU C 109 32.30 -46.65 -13.24
C LEU C 109 31.17 -47.69 -13.31
N SER C 110 31.38 -48.74 -14.11
CA SER C 110 30.40 -49.81 -14.30
C SER C 110 30.07 -50.57 -13.02
N SER C 111 31.07 -50.72 -12.16
CA SER C 111 30.94 -51.51 -10.93
C SER C 111 30.15 -50.81 -9.82
N PHE C 112 30.04 -49.49 -9.90
CA PHE C 112 29.31 -48.71 -8.89
C PHE C 112 27.86 -48.41 -9.29
N LEU C 113 27.56 -48.54 -10.58
CA LEU C 113 26.21 -48.28 -11.09
C LEU C 113 25.10 -49.16 -10.50
N PRO C 114 25.36 -50.48 -10.32
CA PRO C 114 24.30 -51.28 -9.69
C PRO C 114 24.21 -51.10 -8.17
N GLN C 115 25.16 -50.39 -7.58
CA GLN C 115 25.17 -50.19 -6.14
C GLN C 115 24.24 -49.06 -5.68
N HIS C 116 22.94 -49.27 -5.88
CA HIS C 116 21.92 -48.37 -5.37
C HIS C 116 21.01 -49.10 -4.41
N CYS C 117 20.12 -48.35 -3.75
CA CYS C 117 19.25 -48.93 -2.72
C CYS C 117 17.80 -48.83 -3.11
N GLY C 118 17.10 -49.96 -3.05
CA GLY C 118 15.66 -50.00 -3.29
C GLY C 118 14.91 -49.20 -2.23
N SER C 119 13.76 -48.64 -2.61
CA SER C 119 12.94 -47.82 -1.71
C SER C 119 12.63 -48.55 -0.39
N HIS C 120 12.48 -49.86 -0.47
CA HIS C 120 12.22 -50.73 0.68
C HIS C 120 13.40 -50.79 1.63
N ARG C 121 14.62 -50.66 1.08
CA ARG C 121 15.83 -50.62 1.89
C ARG C 121 15.98 -49.26 2.58
N VAL C 122 15.60 -48.20 1.87
CA VAL C 122 15.57 -46.85 2.43
C VAL C 122 14.57 -46.80 3.58
N TYR C 123 13.41 -47.44 3.38
CA TYR C 123 12.41 -47.58 4.44
C TYR C 123 13.02 -48.21 5.69
N LEU C 124 13.73 -49.32 5.50
CA LEU C 124 14.36 -50.06 6.59
C LEU C 124 15.28 -49.16 7.41
N PHE C 125 16.03 -48.31 6.73
CA PHE C 125 16.93 -47.36 7.36
C PHE C 125 16.18 -46.29 8.17
N VAL C 126 15.15 -45.71 7.54
CA VAL C 126 14.34 -44.66 8.17
C VAL C 126 13.62 -45.20 9.41
N ARG C 127 12.99 -46.36 9.25
CA ARG C 127 12.33 -47.09 10.34
C ARG C 127 13.25 -47.23 11.55
N GLU C 128 14.48 -47.64 11.28
CA GLU C 128 15.50 -47.84 12.29
C GLU C 128 15.92 -46.51 12.95
N CYS C 129 16.00 -45.45 12.15
CA CYS C 129 16.27 -44.11 12.68
C CYS C 129 15.13 -43.61 13.56
N LEU C 130 13.89 -43.86 13.14
CA LEU C 130 12.72 -43.51 13.92
C LEU C 130 12.69 -44.24 15.26
N LEU C 131 13.07 -45.51 15.25
CA LEU C 131 13.13 -46.35 16.46
C LEU C 131 14.21 -45.91 17.43
N ALA C 132 15.35 -45.45 16.90
CA ALA C 132 16.48 -45.06 17.74
C ALA C 132 16.38 -43.64 18.30
N VAL C 133 15.78 -42.73 17.53
CA VAL C 133 15.78 -41.30 17.86
C VAL C 133 14.50 -40.80 18.56
N ILE C 134 13.35 -41.32 18.13
CA ILE C 134 12.06 -40.85 18.65
C ILE C 134 11.66 -41.60 19.93
N PRO C 135 11.51 -40.86 21.05
CA PRO C 135 11.06 -41.45 22.32
C PRO C 135 9.69 -42.11 22.15
N GLN C 136 9.49 -43.23 22.84
CA GLN C 136 8.28 -44.04 22.70
C GLN C 136 7.00 -43.32 23.11
N GLU C 137 7.05 -42.59 24.22
CA GLU C 137 5.87 -41.89 24.74
C GLU C 137 5.36 -40.80 23.80
N LEU C 138 6.19 -40.43 22.82
CA LEU C 138 5.82 -39.45 21.82
C LEU C 138 4.83 -40.02 20.82
N TRP C 139 4.94 -41.33 20.56
CA TRP C 139 3.96 -42.06 19.73
C TRP C 139 2.64 -42.20 20.43
N GLY C 140 2.67 -42.26 21.76
CA GLY C 140 1.46 -42.41 22.57
C GLY C 140 1.07 -43.87 22.77
N SER C 141 1.16 -44.66 21.70
CA SER C 141 0.87 -46.09 21.74
C SER C 141 1.68 -46.85 20.68
N GLU C 142 1.66 -48.18 20.79
CA GLU C 142 2.26 -49.05 19.79
C GLU C 142 1.41 -49.05 18.52
N HIS C 143 0.10 -48.91 18.69
CA HIS C 143 -0.86 -48.84 17.61
C HIS C 143 -0.63 -47.64 16.73
N ASN C 144 -0.39 -46.49 17.35
CA ASN C 144 -0.05 -45.26 16.62
C ASN C 144 1.27 -45.40 15.85
N ARG C 145 2.26 -46.02 16.48
CA ARG C 145 3.59 -46.18 15.89
C ARG C 145 3.58 -47.12 14.68
N LEU C 146 2.84 -48.23 14.78
CA LEU C 146 2.74 -49.20 13.70
C LEU C 146 1.96 -48.67 12.51
N LEU C 147 0.95 -47.84 12.79
CA LEU C 147 0.21 -47.15 11.74
C LEU C 147 1.08 -46.13 11.02
N TYR C 148 1.82 -45.33 11.79
CA TYR C 148 2.70 -44.30 11.23
C TYR C 148 3.81 -44.91 10.38
N PHE C 149 4.39 -46.01 10.85
CA PHE C 149 5.43 -46.73 10.12
C PHE C 149 4.93 -47.20 8.76
N ALA C 150 3.68 -47.65 8.72
CA ALA C 150 3.02 -48.06 7.49
C ALA C 150 2.80 -46.89 6.52
N ARG C 151 2.51 -45.71 7.08
CA ARG C 151 2.35 -44.49 6.29
C ARG C 151 3.68 -44.06 5.67
N VAL C 152 4.77 -44.28 6.41
CA VAL C 152 6.12 -44.01 5.90
C VAL C 152 6.47 -45.01 4.80
N ARG C 153 6.13 -46.29 5.02
CA ARG C 153 6.37 -47.35 4.04
C ARG C 153 5.67 -47.06 2.72
N PHE C 154 4.38 -46.70 2.82
CA PHE C 154 3.59 -46.33 1.66
C PHE C 154 4.17 -45.10 0.96
N PHE C 155 4.60 -44.12 1.75
CA PHE C 155 5.16 -42.87 1.24
C PHE C 155 6.44 -43.10 0.45
N LEU C 156 7.36 -43.87 1.03
CA LEU C 156 8.68 -44.09 0.46
C LEU C 156 8.67 -44.97 -0.78
N ARG C 157 7.70 -45.88 -0.84
CA ARG C 157 7.55 -46.78 -1.98
C ARG C 157 6.78 -46.12 -3.11
N SER C 158 5.76 -45.35 -2.75
CA SER C 158 4.77 -44.89 -3.70
C SER C 158 5.22 -43.73 -4.55
N GLY C 159 5.48 -44.00 -5.83
CA GLY C 159 5.80 -42.95 -6.80
C GLY C 159 7.23 -42.92 -7.31
N LYS C 160 8.20 -42.57 -6.45
CA LYS C 160 8.00 -42.46 -5.01
C LYS C 160 7.46 -41.12 -4.52
N PHE C 161 7.26 -41.03 -3.20
CA PHE C 161 6.90 -39.79 -2.49
C PHE C 161 5.48 -39.29 -2.76
N GLU C 162 4.51 -40.18 -2.55
CA GLU C 162 3.10 -39.88 -2.72
C GLU C 162 2.66 -38.89 -1.67
N ARG C 163 2.77 -37.60 -2.02
CA ARG C 163 2.41 -36.50 -1.13
C ARG C 163 1.22 -36.89 -0.29
N LEU C 164 1.49 -37.28 0.95
CA LEU C 164 0.42 -37.68 1.85
C LEU C 164 -0.32 -36.45 2.33
N SER C 165 -1.63 -36.61 2.48
CA SER C 165 -2.42 -35.63 3.18
C SER C 165 -2.09 -35.77 4.66
N VAL C 166 -2.29 -34.70 5.42
CA VAL C 166 -2.18 -34.78 6.86
C VAL C 166 -3.33 -35.64 7.39
N ALA C 167 -4.50 -35.48 6.78
CA ALA C 167 -5.68 -36.29 7.11
C ALA C 167 -5.41 -37.78 6.95
N GLU C 168 -4.67 -38.13 5.91
CA GLU C 168 -4.30 -39.52 5.63
C GLU C 168 -3.21 -40.02 6.58
N LEU C 169 -2.27 -39.14 6.93
CA LEU C 169 -1.29 -39.41 7.96
C LEU C 169 -1.95 -39.66 9.32
N MET C 170 -2.95 -38.83 9.63
CA MET C 170 -3.66 -38.88 10.92
C MET C 170 -4.66 -40.03 11.00
N TRP C 171 -5.03 -40.58 9.84
CA TRP C 171 -6.11 -41.56 9.75
C TRP C 171 -5.98 -42.73 10.70
N LYS C 172 -6.92 -42.77 11.65
CA LYS C 172 -7.00 -43.82 12.67
C LYS C 172 -5.93 -43.75 13.76
N ILE C 173 -5.14 -42.68 13.77
CA ILE C 173 -4.24 -42.39 14.88
C ILE C 173 -5.09 -41.99 16.08
N LYS C 174 -4.84 -42.62 17.22
CA LYS C 174 -5.56 -42.31 18.45
C LYS C 174 -4.86 -41.16 19.17
N VAL C 175 -5.39 -39.96 18.95
CA VAL C 175 -4.83 -38.72 19.50
C VAL C 175 -4.72 -38.78 21.02
N ASN C 176 -5.78 -39.23 21.68
CA ASN C 176 -5.83 -39.29 23.13
C ASN C 176 -4.88 -40.28 23.78
N ASN C 177 -4.20 -41.10 22.97
CA ASN C 177 -3.13 -41.97 23.44
C ASN C 177 -1.88 -41.18 23.86
N CYS C 178 -1.74 -39.99 23.27
CA CYS C 178 -0.55 -39.17 23.47
C CYS C 178 -0.70 -38.23 24.68
N ASP C 179 -0.25 -38.72 25.83
CA ASP C 179 -0.28 -37.97 27.08
C ASP C 179 0.46 -36.63 26.98
N TRP C 180 1.50 -36.59 26.14
CA TRP C 180 2.37 -35.42 26.03
C TRP C 180 1.72 -34.20 25.44
N LEU C 181 0.52 -34.38 24.87
CA LEU C 181 -0.26 -33.30 24.30
C LEU C 181 -1.16 -32.62 25.33
N LYS C 182 -1.42 -33.33 26.42
CA LYS C 182 -2.46 -32.95 27.38
C LYS C 182 -1.96 -32.03 28.50
N ILE C 183 -2.86 -31.19 29.00
CA ILE C 183 -2.67 -30.47 30.25
C ILE C 183 -3.01 -31.44 31.38
N SER C 184 -4.09 -32.21 31.17
CA SER C 184 -4.61 -33.12 32.18
C SER C 184 -5.08 -34.44 31.56
N LYS C 185 -4.79 -35.54 32.27
CA LYS C 185 -5.24 -36.87 31.88
C LYS C 185 -6.68 -37.15 32.28
N THR C 186 -7.20 -36.33 33.20
CA THR C 186 -8.50 -36.59 33.82
C THR C 186 -9.57 -35.60 33.39
N GLY C 187 -10.83 -35.95 33.65
CA GLY C 187 -11.96 -35.09 33.36
C GLY C 187 -12.42 -35.17 31.92
N ARG C 188 -13.49 -34.43 31.61
CA ARG C 188 -14.04 -34.40 30.27
C ARG C 188 -13.14 -33.61 29.32
N VAL C 189 -13.05 -34.09 28.08
CA VAL C 189 -12.30 -33.42 27.03
C VAL C 189 -13.31 -32.71 26.12
N PRO C 190 -13.39 -31.37 26.20
CA PRO C 190 -14.27 -30.64 25.29
C PRO C 190 -13.78 -30.75 23.84
N PRO C 191 -14.72 -30.83 22.88
CA PRO C 191 -14.41 -30.85 21.46
C PRO C 191 -13.36 -29.81 21.01
N SER C 192 -13.37 -28.64 21.64
CA SER C 192 -12.36 -27.61 21.38
C SER C 192 -10.94 -28.10 21.73
N GLU C 193 -10.85 -28.83 22.84
CA GLU C 193 -9.58 -29.37 23.33
C GLU C 193 -9.07 -30.53 22.48
N LEU C 194 -9.96 -31.43 22.07
CA LEU C 194 -9.58 -32.54 21.19
C LEU C 194 -9.03 -32.00 19.87
N SER C 195 -9.73 -31.00 19.32
CA SER C 195 -9.33 -30.31 18.11
C SER C 195 -7.93 -29.68 18.24
N TYR C 196 -7.66 -29.09 19.39
CA TYR C 196 -6.35 -28.48 19.65
C TYR C 196 -5.27 -29.55 19.77
N ARG C 197 -5.59 -30.65 20.45
CA ARG C 197 -4.70 -31.80 20.57
C ARG C 197 -4.39 -32.42 19.20
N THR C 198 -5.41 -32.48 18.34
CA THR C 198 -5.25 -32.98 16.97
C THR C 198 -4.33 -32.04 16.16
N GLN C 199 -4.58 -30.74 16.26
CA GLN C 199 -3.76 -29.72 15.61
C GLN C 199 -2.28 -29.89 15.96
N ILE C 200 -1.98 -30.06 17.25
CA ILE C 200 -0.60 -30.21 17.72
C ILE C 200 0.02 -31.51 17.21
N LEU C 201 -0.68 -32.62 17.39
CA LEU C 201 -0.19 -33.92 16.92
C LEU C 201 0.01 -33.95 15.41
N GLY C 202 -0.91 -33.33 14.68
CA GLY C 202 -0.78 -33.17 13.23
C GLY C 202 0.48 -32.43 12.83
N GLN C 203 0.78 -31.36 13.54
CA GLN C 203 2.03 -30.59 13.34
C GLN C 203 3.27 -31.47 13.51
N PHE C 204 3.34 -32.23 14.60
CA PHE C 204 4.49 -33.03 14.92
C PHE C 204 4.64 -34.24 13.98
N LEU C 205 3.53 -34.91 13.75
CA LEU C 205 3.45 -36.07 12.88
C LEU C 205 3.86 -35.73 11.44
N ALA C 206 3.39 -34.58 10.96
CA ALA C 206 3.71 -34.09 9.62
C ALA C 206 5.14 -33.53 9.54
N TRP C 207 5.61 -32.93 10.64
CA TRP C 207 7.01 -32.50 10.71
C TRP C 207 7.92 -33.69 10.62
N LEU C 208 7.53 -34.77 11.27
CA LEU C 208 8.32 -35.99 11.31
C LEU C 208 8.46 -36.63 9.93
N LEU C 209 7.48 -36.43 9.06
CA LEU C 209 7.54 -36.94 7.69
C LEU C 209 8.33 -35.99 6.77
N ASP C 210 7.99 -34.70 6.80
CA ASP C 210 8.61 -33.71 5.93
C ASP C 210 10.02 -33.32 6.38
N GLY C 211 10.18 -33.14 7.69
CA GLY C 211 11.46 -32.70 8.24
C GLY C 211 12.42 -33.84 8.49
N PHE C 212 12.00 -34.78 9.34
CA PHE C 212 12.88 -35.87 9.79
C PHE C 212 13.10 -36.92 8.71
N VAL C 213 12.03 -37.60 8.30
CA VAL C 213 12.11 -38.69 7.33
C VAL C 213 12.73 -38.23 6.00
N VAL C 214 12.18 -37.15 5.44
CA VAL C 214 12.62 -36.64 4.14
C VAL C 214 14.01 -36.00 4.22
N GLY C 215 14.26 -35.25 5.29
CA GLY C 215 15.60 -34.70 5.52
C GLY C 215 16.66 -35.79 5.53
N LEU C 216 16.27 -36.94 6.06
CA LEU C 216 17.13 -38.12 6.17
C LEU C 216 17.42 -38.74 4.81
N VAL C 217 16.39 -38.85 3.97
CA VAL C 217 16.53 -39.31 2.59
C VAL C 217 17.41 -38.34 1.79
N ARG C 218 17.15 -37.04 1.95
CA ARG C 218 17.94 -35.99 1.31
C ARG C 218 19.42 -36.04 1.69
N ALA C 219 19.71 -36.23 2.97
CA ALA C 219 21.09 -36.20 3.47
C ALA C 219 21.92 -37.39 3.00
N CYS C 220 21.38 -38.59 3.22
CA CYS C 220 22.14 -39.83 3.07
C CYS C 220 22.11 -40.40 1.66
N PHE C 221 21.14 -39.96 0.86
CA PHE C 221 20.96 -40.50 -0.48
C PHE C 221 20.92 -39.40 -1.53
N TYR C 222 21.22 -39.79 -2.76
CA TYR C 222 20.89 -38.99 -3.92
C TYR C 222 20.11 -39.86 -4.89
N ALA C 223 19.02 -39.31 -5.41
CA ALA C 223 18.15 -40.04 -6.32
C ALA C 223 18.21 -39.46 -7.74
N THR C 224 18.15 -40.32 -8.74
CA THR C 224 18.25 -39.89 -10.14
C THR C 224 17.35 -40.70 -11.09
N GLU C 225 17.32 -40.27 -12.35
CA GLU C 225 16.42 -40.83 -13.35
C GLU C 225 17.04 -42.02 -14.10
N SER C 226 17.35 -43.09 -13.35
CA SER C 226 17.91 -44.35 -13.90
C SER C 226 19.06 -44.18 -14.92
N MET C 227 18.71 -43.67 -16.11
CA MET C 227 19.64 -43.45 -17.23
C MET C 227 19.92 -44.70 -18.08
N GLY C 228 19.23 -45.80 -17.77
CA GLY C 228 19.42 -47.05 -18.49
C GLY C 228 18.20 -47.96 -18.49
N GLN C 229 17.79 -48.37 -17.29
CA GLN C 229 16.63 -49.26 -17.10
C GLN C 229 15.30 -48.55 -17.38
N LYS C 230 15.36 -47.49 -18.19
CA LYS C 230 14.21 -46.66 -18.62
C LYS C 230 14.01 -45.45 -17.69
N ASN C 231 12.81 -45.34 -17.12
CA ASN C 231 12.43 -44.19 -16.30
C ASN C 231 12.02 -44.60 -14.88
N ALA C 232 13.01 -44.90 -14.04
CA ALA C 232 12.78 -45.31 -12.66
C ALA C 232 13.71 -44.58 -11.71
N ILE C 233 13.20 -44.25 -10.53
CA ILE C 233 14.00 -43.58 -9.51
C ILE C 233 14.94 -44.57 -8.82
N ARG C 234 16.24 -44.33 -8.96
CA ARG C 234 17.26 -45.11 -8.26
C ARG C 234 17.81 -44.28 -7.11
N PHE C 235 17.87 -44.87 -5.92
CA PHE C 235 18.45 -44.21 -4.75
C PHE C 235 19.88 -44.69 -4.50
N TYR C 236 20.84 -43.82 -4.80
CA TYR C 236 22.23 -44.09 -4.48
C TYR C 236 22.56 -43.47 -3.14
N ARG C 237 23.29 -44.21 -2.32
CA ARG C 237 23.85 -43.64 -1.10
C ARG C 237 24.82 -42.52 -1.47
N GLN C 238 24.77 -41.46 -0.67
CA GLN C 238 25.52 -40.22 -0.90
C GLN C 238 26.98 -40.43 -1.29
N GLU C 239 27.64 -41.40 -0.64
CA GLU C 239 29.05 -41.70 -0.85
C GLU C 239 29.32 -42.34 -2.20
N VAL C 240 28.44 -43.26 -2.60
CA VAL C 240 28.52 -43.94 -3.91
C VAL C 240 28.30 -42.94 -5.04
N TRP C 241 27.34 -42.03 -4.85
CA TRP C 241 27.06 -41.01 -5.87
C TRP C 241 28.23 -40.10 -6.06
N ALA C 242 28.83 -39.67 -4.95
CA ALA C 242 30.07 -38.89 -4.97
C ALA C 242 31.16 -39.61 -5.76
N LYS C 243 31.28 -40.92 -5.53
CA LYS C 243 32.25 -41.76 -6.26
C LYS C 243 31.95 -41.78 -7.76
N LEU C 244 30.67 -41.90 -8.11
CA LEU C 244 30.24 -41.89 -9.52
C LEU C 244 30.57 -40.56 -10.20
N GLN C 245 30.28 -39.45 -9.51
CA GLN C 245 30.60 -38.11 -10.02
C GLN C 245 32.11 -37.94 -10.22
N ASP C 246 32.89 -38.44 -9.25
CA ASP C 246 34.35 -38.37 -9.31
C ASP C 246 34.92 -39.12 -10.52
N LEU C 247 34.45 -40.35 -10.73
CA LEU C 247 34.91 -41.20 -11.83
C LEU C 247 34.49 -40.68 -13.21
N ALA C 248 33.27 -40.18 -13.30
CA ALA C 248 32.72 -39.65 -14.55
C ALA C 248 33.41 -38.36 -14.99
N PHE C 249 33.84 -37.56 -14.02
CA PHE C 249 34.44 -36.26 -14.30
C PHE C 249 35.96 -36.22 -14.20
N ARG C 250 36.59 -37.39 -14.10
CA ARG C 250 38.05 -37.49 -14.26
C ARG C 250 38.40 -38.31 -15.50
N SER C 251 37.39 -39.02 -16.04
CA SER C 251 37.54 -39.82 -17.25
C SER C 251 37.61 -38.96 -18.51
N HIS C 252 36.65 -38.03 -18.65
CA HIS C 252 36.60 -37.15 -19.82
C HIS C 252 37.41 -35.90 -19.62
N ILE C 253 37.64 -35.52 -18.36
CA ILE C 253 38.62 -34.48 -18.02
C ILE C 253 39.73 -35.09 -17.14
N SER C 254 40.82 -35.55 -17.76
CA SER C 254 40.95 -35.58 -19.23
C SER C 254 40.95 -37.02 -19.75
N SER D 4 -31.31 39.50 -10.69
CA SER D 4 -30.41 39.07 -11.81
C SER D 4 -29.54 37.90 -11.39
N GLN D 5 -29.12 37.10 -12.39
CA GLN D 5 -28.19 35.98 -12.18
C GLN D 5 -26.82 36.50 -11.78
N SER D 6 -26.57 37.77 -12.06
CA SER D 6 -25.26 38.41 -11.87
C SER D 6 -24.71 38.34 -10.44
N PHE D 7 -25.51 38.73 -9.46
CA PHE D 7 -25.04 38.82 -8.07
C PHE D 7 -25.24 37.54 -7.27
N MET D 8 -26.25 36.75 -7.62
CA MET D 8 -26.49 35.43 -7.01
C MET D 8 -25.35 34.46 -7.35
N ARG D 9 -24.76 34.64 -8.53
CA ARG D 9 -23.61 33.84 -8.96
C ARG D 9 -22.35 34.26 -8.21
N THR D 10 -22.21 35.56 -7.97
CA THR D 10 -21.04 36.11 -7.27
C THR D 10 -21.07 35.78 -5.77
N LEU D 11 -22.18 36.08 -5.11
CA LEU D 11 -22.33 35.81 -3.68
C LEU D 11 -22.41 34.31 -3.39
N GLY D 12 -23.00 33.57 -4.32
CA GLY D 12 -23.03 32.10 -4.27
C GLY D 12 -21.64 31.51 -4.36
N PHE D 13 -20.79 32.11 -5.19
CA PHE D 13 -19.39 31.72 -5.28
C PHE D 13 -18.63 32.05 -3.99
N LEU D 14 -18.84 33.27 -3.48
CA LEU D 14 -18.15 33.74 -2.29
C LEU D 14 -18.58 33.05 -0.99
N TYR D 15 -19.89 32.96 -0.77
CA TYR D 15 -20.41 32.52 0.54
C TYR D 15 -21.32 31.30 0.48
N GLY D 16 -21.57 30.79 -0.72
CA GLY D 16 -22.43 29.61 -0.90
C GLY D 16 -23.89 29.87 -0.57
N GLY D 17 -24.70 28.81 -0.65
CA GLY D 17 -26.08 28.83 -0.22
C GLY D 17 -27.05 29.61 -1.09
N ARG D 18 -26.84 29.57 -2.41
CA ARG D 18 -27.68 30.34 -3.34
C ARG D 18 -28.13 29.58 -4.59
N GLY D 19 -27.83 28.28 -4.63
CA GLY D 19 -28.28 27.44 -5.73
C GLY D 19 -27.18 26.96 -6.65
N MET D 20 -27.57 26.22 -7.68
CA MET D 20 -26.65 25.53 -8.57
C MET D 20 -25.99 26.43 -9.61
N ARG D 21 -26.42 27.69 -9.65
CA ARG D 21 -25.92 28.66 -10.61
C ARG D 21 -24.42 28.87 -10.45
N SER D 22 -23.95 28.81 -9.21
CA SER D 22 -22.54 29.01 -8.89
C SER D 22 -21.80 27.72 -8.55
N PHE D 23 -22.42 26.57 -8.83
CA PHE D 23 -21.78 25.27 -8.67
C PHE D 23 -20.68 25.10 -9.72
N LEU D 24 -19.59 24.46 -9.31
CA LEU D 24 -18.40 24.30 -10.14
C LEU D 24 -18.66 23.93 -11.61
N LEU D 25 -19.48 22.91 -11.82
CA LEU D 25 -19.67 22.34 -13.16
C LEU D 25 -20.52 23.22 -14.09
N ASN D 26 -21.20 24.21 -13.53
CA ASN D 26 -21.98 25.18 -14.32
C ASN D 26 -21.20 26.45 -14.65
N ARG D 27 -20.02 26.61 -14.06
CA ARG D 27 -19.17 27.78 -14.31
C ARG D 27 -18.56 27.75 -15.71
N LYS D 28 -18.33 28.92 -16.28
CA LYS D 28 -17.76 29.03 -17.62
C LYS D 28 -16.27 29.32 -17.58
N LYS D 29 -15.57 28.92 -18.64
CA LYS D 29 -14.15 29.21 -18.80
C LYS D 29 -13.96 30.57 -19.45
N LYS D 30 -13.00 31.34 -18.94
CA LYS D 30 -12.70 32.65 -19.49
C LYS D 30 -11.75 32.52 -20.68
N THR D 31 -12.23 32.93 -21.84
CA THR D 31 -11.43 32.97 -23.06
C THR D 31 -11.01 34.41 -23.34
N ALA D 32 -10.23 34.60 -24.41
CA ALA D 32 -9.80 35.95 -24.83
C ALA D 32 -11.00 36.78 -25.31
N GLU D 33 -12.04 36.10 -25.76
CA GLU D 33 -13.22 36.74 -26.34
C GLU D 33 -14.30 37.04 -25.31
N GLY D 34 -14.50 36.12 -24.37
CA GLY D 34 -15.52 36.28 -23.33
C GLY D 34 -15.60 35.07 -22.41
N PHE D 35 -16.63 34.25 -22.60
CA PHE D 35 -16.84 33.04 -21.81
C PHE D 35 -17.35 31.87 -22.65
N ARG D 36 -17.13 30.65 -22.17
CA ARG D 36 -17.61 29.44 -22.83
C ARG D 36 -17.83 28.28 -21.86
N LYS D 37 -18.76 27.40 -22.22
CA LYS D 37 -19.08 26.21 -21.42
C LYS D 37 -17.91 25.24 -21.41
N ILE D 38 -17.71 24.57 -20.27
CA ILE D 38 -16.60 23.64 -20.10
C ILE D 38 -16.85 22.30 -20.80
N GLN D 39 -15.77 21.73 -21.34
CA GLN D 39 -15.83 20.42 -22.00
C GLN D 39 -14.99 19.42 -21.21
N GLY D 40 -15.00 18.16 -21.65
CA GLY D 40 -14.24 17.09 -21.01
C GLY D 40 -12.79 17.46 -20.76
N ARG D 41 -12.14 18.00 -21.80
CA ARG D 41 -10.76 18.48 -21.72
C ARG D 41 -10.55 19.48 -20.57
N ASP D 42 -11.51 20.40 -20.43
CA ASP D 42 -11.43 21.45 -19.42
C ASP D 42 -11.55 20.91 -18.00
N LEU D 43 -12.44 19.96 -17.80
CA LEU D 43 -12.62 19.32 -16.50
C LEU D 43 -11.35 18.58 -16.06
N ILE D 44 -10.73 17.86 -16.99
CA ILE D 44 -9.46 17.16 -16.76
C ILE D 44 -8.37 18.13 -16.26
N ARG D 45 -8.34 19.32 -16.85
CA ARG D 45 -7.44 20.39 -16.42
C ARG D 45 -7.74 20.84 -14.99
N ILE D 46 -9.02 20.99 -14.66
CA ILE D 46 -9.46 21.39 -13.32
C ILE D 46 -9.09 20.33 -12.28
N VAL D 47 -9.28 19.05 -12.64
CA VAL D 47 -9.08 17.96 -11.70
C VAL D 47 -7.60 17.58 -11.54
N PHE D 48 -6.84 17.65 -12.63
CA PHE D 48 -5.48 17.10 -12.66
C PHE D 48 -4.32 18.06 -12.89
N PHE D 49 -4.58 19.27 -13.41
CA PHE D 49 -3.49 20.18 -13.76
C PHE D 49 -3.52 21.53 -13.03
N GLU D 50 -4.11 22.55 -13.64
CA GLU D 50 -4.13 23.90 -13.05
C GLU D 50 -5.08 24.06 -11.86
N GLY D 51 -6.13 23.25 -11.82
CA GLY D 51 -7.18 23.40 -10.80
C GLY D 51 -8.28 24.32 -11.28
N VAL D 52 -9.11 24.78 -10.34
CA VAL D 52 -10.26 25.66 -10.63
C VAL D 52 -9.87 26.98 -11.32
N LEU D 53 -8.67 27.47 -11.05
CA LEU D 53 -8.19 28.73 -11.62
C LEU D 53 -7.90 28.63 -13.12
N TYR D 54 -8.00 27.42 -13.65
CA TYR D 54 -7.98 27.17 -15.09
C TYR D 54 -9.14 27.90 -15.78
N LEU D 55 -10.27 28.01 -15.06
CA LEU D 55 -11.44 28.75 -15.54
C LEU D 55 -11.17 30.24 -15.63
N ASN D 56 -10.18 30.71 -14.86
CA ASN D 56 -9.81 32.13 -14.82
C ASN D 56 -8.59 32.46 -15.67
N GLY D 57 -8.09 31.48 -16.43
CA GLY D 57 -6.98 31.70 -17.35
C GLY D 57 -5.61 31.21 -16.92
N LEU D 58 -5.53 30.56 -15.75
CA LEU D 58 -4.25 30.01 -15.29
C LEU D 58 -3.83 28.87 -16.23
N GLU D 59 -2.59 28.92 -16.69
CA GLU D 59 -2.07 27.95 -17.63
C GLU D 59 -0.76 27.33 -17.16
N ARG D 60 -0.61 26.03 -17.40
CA ARG D 60 0.64 25.33 -17.11
C ARG D 60 0.94 24.32 -18.23
N LYS D 61 2.23 24.08 -18.45
CA LYS D 61 2.68 23.09 -19.43
C LYS D 61 2.48 21.66 -18.88
N PRO D 62 2.12 20.71 -19.76
CA PRO D 62 1.92 20.88 -21.20
C PRO D 62 0.57 21.51 -21.57
N LYS D 63 0.55 22.24 -22.69
CA LYS D 63 -0.70 22.83 -23.19
C LYS D 63 -1.61 21.74 -23.76
N LYS D 64 -1.02 20.81 -24.51
CA LYS D 64 -1.73 19.65 -25.03
C LYS D 64 -1.69 18.52 -24.01
N LEU D 65 -2.81 17.82 -23.85
CA LEU D 65 -2.93 16.72 -22.91
C LEU D 65 -2.02 15.55 -23.27
N PRO D 66 -1.31 14.98 -22.27
CA PRO D 66 -0.59 13.72 -22.46
C PRO D 66 -1.57 12.60 -22.83
N ARG D 67 -1.06 11.58 -23.52
CA ARG D 67 -1.88 10.49 -24.06
C ARG D 67 -2.79 9.84 -23.00
N ARG D 68 -2.22 9.58 -21.82
CA ARG D 68 -2.98 9.01 -20.70
C ARG D 68 -4.26 9.83 -20.41
N PHE D 69 -4.12 11.15 -20.38
CA PHE D 69 -5.23 12.04 -20.06
C PHE D 69 -6.14 12.35 -21.24
N PHE D 70 -5.58 12.32 -22.45
CA PHE D 70 -6.38 12.44 -23.68
C PHE D 70 -7.36 11.28 -23.79
N ASN D 71 -6.96 10.12 -23.28
CA ASN D 71 -7.81 8.93 -23.28
C ASN D 71 -8.92 8.97 -22.22
N MET D 72 -8.93 10.03 -21.42
CA MET D 72 -9.95 10.22 -20.38
C MET D 72 -11.04 11.18 -20.83
N VAL D 73 -10.76 11.97 -21.86
CA VAL D 73 -11.73 12.93 -22.40
C VAL D 73 -13.12 12.31 -22.59
N PRO D 74 -13.20 11.15 -23.27
CA PRO D 74 -14.49 10.47 -23.45
C PRO D 74 -15.28 10.30 -22.15
N LEU D 75 -14.62 9.85 -21.09
CA LEU D 75 -15.27 9.62 -19.81
C LEU D 75 -15.69 10.92 -19.10
N PHE D 76 -14.78 11.89 -19.06
CA PHE D 76 -15.03 13.17 -18.41
C PHE D 76 -15.98 14.07 -19.19
N SER D 77 -16.07 13.84 -20.50
CA SER D 77 -17.10 14.48 -21.33
C SER D 77 -18.47 13.93 -20.99
N GLN D 78 -18.56 12.61 -20.81
CA GLN D 78 -19.80 11.95 -20.40
C GLN D 78 -20.23 12.44 -19.02
N LEU D 79 -19.26 12.59 -18.11
CA LEU D 79 -19.51 13.13 -16.77
C LEU D 79 -20.21 14.50 -16.83
N LEU D 80 -19.66 15.41 -17.63
CA LEU D 80 -20.25 16.75 -17.78
C LEU D 80 -21.61 16.70 -18.47
N ARG D 81 -21.72 15.84 -19.48
CA ARG D 81 -22.98 15.62 -20.19
C ARG D 81 -24.06 15.12 -19.22
N GLN D 82 -23.66 14.21 -18.32
CA GLN D 82 -24.60 13.64 -17.34
C GLN D 82 -24.91 14.59 -16.18
N HIS D 83 -24.01 15.53 -15.90
CA HIS D 83 -24.31 16.60 -14.96
C HIS D 83 -25.34 17.54 -15.53
N ARG D 84 -25.18 17.88 -16.80
CA ARG D 84 -26.09 18.79 -17.50
C ARG D 84 -27.52 18.25 -17.62
N ARG D 85 -27.67 16.94 -17.58
CA ARG D 85 -28.98 16.29 -17.67
C ARG D 85 -29.51 15.87 -16.31
N CYS D 86 -28.73 16.10 -15.25
CA CYS D 86 -29.12 15.71 -13.89
C CYS D 86 -30.27 16.57 -13.36
N PRO D 87 -31.36 15.91 -12.95
CA PRO D 87 -32.51 16.63 -12.37
C PRO D 87 -32.29 16.93 -10.89
N TYR D 88 -31.44 17.93 -10.63
CA TYR D 88 -31.07 18.30 -9.25
C TYR D 88 -32.27 18.71 -8.41
N SER D 89 -33.20 19.45 -9.02
CA SER D 89 -34.45 19.85 -8.36
C SER D 89 -35.28 18.64 -7.97
N ARG D 90 -35.45 17.71 -8.91
CA ARG D 90 -36.18 16.46 -8.65
C ARG D 90 -35.52 15.62 -7.56
N LEU D 91 -34.19 15.55 -7.59
CA LEU D 91 -33.45 14.79 -6.59
C LEU D 91 -33.54 15.40 -5.19
N LEU D 92 -33.53 16.74 -5.12
CA LEU D 92 -33.71 17.46 -3.86
C LEU D 92 -35.15 17.31 -3.32
N GLN D 93 -36.12 17.36 -4.22
CA GLN D 93 -37.54 17.23 -3.83
C GLN D 93 -37.89 15.82 -3.36
N LYS D 94 -37.19 14.81 -3.86
CA LYS D 94 -37.44 13.44 -3.42
C LYS D 94 -36.41 12.93 -2.39
N THR D 95 -35.68 13.86 -1.78
CA THR D 95 -34.87 13.56 -0.61
C THR D 95 -35.25 14.49 0.54
N CYS D 96 -35.27 15.79 0.27
CA CYS D 96 -35.67 16.77 1.27
C CYS D 96 -36.53 17.88 0.66
N PRO D 97 -37.86 17.67 0.61
CA PRO D 97 -38.75 18.54 -0.15
C PRO D 97 -39.12 19.85 0.57
N LEU D 98 -39.39 20.87 -0.24
CA LEU D 98 -39.82 22.19 0.24
C LEU D 98 -41.31 22.16 0.55
N VAL D 99 -41.68 22.77 1.68
CA VAL D 99 -43.08 22.82 2.10
C VAL D 99 -43.53 24.27 2.21
N GLY D 100 -44.48 24.65 1.36
CA GLY D 100 -45.08 25.99 1.38
C GLY D 100 -44.13 27.15 1.13
N ILE D 101 -43.17 26.97 0.23
CA ILE D 101 -42.18 28.01 -0.07
C ILE D 101 -42.77 29.08 -1.00
N LYS D 102 -43.05 28.69 -2.25
CA LYS D 102 -43.68 29.58 -3.21
C LYS D 102 -45.18 29.67 -2.95
N ASP D 103 -45.68 28.75 -2.12
CA ASP D 103 -47.06 28.72 -1.66
C ASP D 103 -47.36 29.93 -0.78
N ALA D 104 -46.93 29.86 0.48
CA ALA D 104 -47.17 30.93 1.45
C ALA D 104 -45.89 31.73 1.74
N GLY D 105 -45.89 33.03 1.43
CA GLY D 105 -47.03 33.70 0.81
C GLY D 105 -48.05 34.25 1.80
N GLN D 106 -48.00 33.76 3.03
CA GLN D 106 -48.93 34.14 4.10
C GLN D 106 -48.41 33.73 5.48
N ALA D 107 -47.61 32.67 5.53
CA ALA D 107 -47.10 32.10 6.78
C ALA D 107 -45.99 32.94 7.40
N GLU D 108 -45.56 32.55 8.60
CA GLU D 108 -44.52 33.27 9.35
C GLU D 108 -43.35 32.38 9.79
N LEU D 109 -42.37 32.98 10.45
CA LEU D 109 -41.07 32.36 10.73
C LEU D 109 -41.12 31.00 11.44
N SER D 110 -42.11 30.80 12.30
CA SER D 110 -42.26 29.56 13.06
C SER D 110 -42.43 28.33 12.17
N SER D 111 -43.12 28.51 11.04
CA SER D 111 -43.46 27.40 10.16
C SER D 111 -42.33 26.93 9.23
N PHE D 112 -41.22 27.67 9.22
CA PHE D 112 -40.08 27.30 8.36
C PHE D 112 -38.86 26.83 9.13
N LEU D 113 -38.78 27.16 10.41
CA LEU D 113 -37.65 26.77 11.26
C LEU D 113 -37.50 25.26 11.49
N PRO D 114 -38.61 24.49 11.53
CA PRO D 114 -38.37 23.06 11.60
C PRO D 114 -38.11 22.42 10.23
N GLN D 115 -38.12 23.23 9.17
CA GLN D 115 -37.97 22.71 7.81
C GLN D 115 -36.50 22.61 7.38
N HIS D 116 -35.75 21.78 8.10
CA HIS D 116 -34.35 21.53 7.74
C HIS D 116 -34.16 20.08 7.35
N CYS D 117 -32.95 19.76 6.89
CA CYS D 117 -32.64 18.43 6.41
C CYS D 117 -31.55 17.80 7.25
N GLY D 118 -31.83 16.61 7.77
CA GLY D 118 -30.82 15.82 8.48
C GLY D 118 -29.70 15.42 7.55
N SER D 119 -28.52 15.17 8.11
CA SER D 119 -27.33 14.84 7.31
C SER D 119 -27.48 13.55 6.52
N HIS D 120 -28.33 12.66 7.02
CA HIS D 120 -28.67 11.42 6.34
C HIS D 120 -29.45 11.65 5.07
N ARG D 121 -30.27 12.69 5.07
CA ARG D 121 -31.05 13.10 3.89
C ARG D 121 -30.17 13.74 2.84
N VAL D 122 -29.28 14.63 3.29
CA VAL D 122 -28.30 15.29 2.43
C VAL D 122 -27.41 14.23 1.77
N TYR D 123 -27.07 13.18 2.52
CA TYR D 123 -26.34 12.04 1.98
C TYR D 123 -27.09 11.38 0.83
N LEU D 124 -28.38 11.13 1.04
CA LEU D 124 -29.20 10.47 0.02
C LEU D 124 -29.19 11.25 -1.29
N PHE D 125 -29.34 12.57 -1.19
CA PHE D 125 -29.26 13.48 -2.33
C PHE D 125 -27.92 13.38 -3.05
N VAL D 126 -26.83 13.49 -2.28
CA VAL D 126 -25.47 13.42 -2.80
C VAL D 126 -25.19 12.05 -3.43
N ARG D 127 -25.63 10.99 -2.75
CA ARG D 127 -25.52 9.63 -3.26
C ARG D 127 -26.16 9.49 -4.63
N GLU D 128 -27.38 10.01 -4.77
CA GLU D 128 -28.10 9.96 -6.04
C GLU D 128 -27.43 10.81 -7.12
N CYS D 129 -26.81 11.92 -6.70
CA CYS D 129 -26.04 12.76 -7.61
C CYS D 129 -24.81 12.02 -8.11
N LEU D 130 -24.11 11.36 -7.20
CA LEU D 130 -22.94 10.55 -7.55
C LEU D 130 -23.32 9.43 -8.50
N LEU D 131 -24.49 8.83 -8.27
CA LEU D 131 -24.96 7.71 -9.09
C LEU D 131 -25.45 8.15 -10.48
N ALA D 132 -25.95 9.37 -10.58
CA ALA D 132 -26.50 9.87 -11.86
C ALA D 132 -25.45 10.58 -12.75
N VAL D 133 -24.42 11.13 -12.13
CA VAL D 133 -23.46 11.97 -12.84
C VAL D 133 -22.15 11.23 -13.16
N ILE D 134 -21.60 10.52 -12.18
CA ILE D 134 -20.32 9.85 -12.34
C ILE D 134 -20.43 8.56 -13.16
N PRO D 135 -19.67 8.48 -14.28
CA PRO D 135 -19.62 7.27 -15.09
C PRO D 135 -19.10 6.09 -14.27
N GLN D 136 -19.71 4.93 -14.45
CA GLN D 136 -19.42 3.73 -13.66
C GLN D 136 -17.95 3.30 -13.73
N GLU D 137 -17.37 3.38 -14.93
CA GLU D 137 -15.99 2.92 -15.13
C GLU D 137 -14.92 3.75 -14.42
N LEU D 138 -15.25 4.99 -14.05
CA LEU D 138 -14.34 5.84 -13.27
C LEU D 138 -14.12 5.32 -11.85
N TRP D 139 -15.09 4.56 -11.33
CA TRP D 139 -14.96 3.92 -10.02
C TRP D 139 -13.96 2.80 -10.04
N GLY D 140 -13.85 2.13 -11.19
CA GLY D 140 -13.01 0.96 -11.34
C GLY D 140 -13.79 -0.31 -11.06
N SER D 141 -14.40 -0.37 -9.87
CA SER D 141 -15.21 -1.51 -9.47
C SER D 141 -16.28 -1.14 -8.46
N GLU D 142 -17.20 -2.07 -8.22
CA GLU D 142 -18.22 -1.98 -7.19
C GLU D 142 -17.58 -1.92 -5.80
N HIS D 143 -16.45 -2.61 -5.65
CA HIS D 143 -15.65 -2.61 -4.43
C HIS D 143 -15.25 -1.22 -4.03
N ASN D 144 -14.72 -0.46 -4.99
CA ASN D 144 -14.28 0.91 -4.74
C ASN D 144 -15.43 1.88 -4.51
N ARG D 145 -16.48 1.75 -5.33
CA ARG D 145 -17.65 2.63 -5.23
C ARG D 145 -18.33 2.52 -3.87
N LEU D 146 -18.48 1.29 -3.37
CA LEU D 146 -19.11 1.06 -2.07
C LEU D 146 -18.29 1.58 -0.89
N LEU D 147 -16.97 1.44 -0.98
CA LEU D 147 -16.08 1.98 0.04
C LEU D 147 -16.18 3.50 0.08
N TYR D 148 -16.10 4.13 -1.09
CA TYR D 148 -16.17 5.59 -1.22
C TYR D 148 -17.50 6.14 -0.69
N PHE D 149 -18.60 5.48 -1.03
CA PHE D 149 -19.93 5.88 -0.56
C PHE D 149 -20.02 5.84 0.96
N ALA D 150 -19.44 4.79 1.56
CA ALA D 150 -19.35 4.68 3.01
C ALA D 150 -18.52 5.82 3.61
N ARG D 151 -17.46 6.20 2.90
CA ARG D 151 -16.61 7.32 3.31
C ARG D 151 -17.37 8.64 3.26
N VAL D 152 -18.14 8.83 2.17
CA VAL D 152 -18.98 10.03 1.99
C VAL D 152 -20.05 10.12 3.08
N ARG D 153 -20.71 8.99 3.37
CA ARG D 153 -21.70 8.91 4.45
C ARG D 153 -21.08 9.31 5.77
N PHE D 154 -19.94 8.72 6.10
CA PHE D 154 -19.22 9.03 7.34
C PHE D 154 -18.85 10.51 7.42
N PHE D 155 -18.40 11.04 6.29
CA PHE D 155 -17.98 12.44 6.17
C PHE D 155 -19.10 13.43 6.51
N LEU D 156 -20.29 13.18 5.97
CA LEU D 156 -21.44 14.06 6.16
C LEU D 156 -22.07 13.85 7.53
N ARG D 157 -21.93 12.64 8.06
CA ARG D 157 -22.36 12.27 9.39
C ARG D 157 -21.73 13.15 10.47
N SER D 158 -20.40 13.30 10.39
CA SER D 158 -19.61 13.90 11.46
C SER D 158 -19.69 15.43 11.52
N GLY D 159 -20.02 16.05 10.39
CA GLY D 159 -20.09 17.51 10.30
C GLY D 159 -18.72 18.17 10.43
N LYS D 160 -17.66 17.38 10.32
CA LYS D 160 -16.30 17.90 10.30
C LYS D 160 -15.84 18.01 8.86
N PHE D 161 -16.48 18.92 8.13
CA PHE D 161 -16.25 19.11 6.69
C PHE D 161 -14.84 19.56 6.30
N GLU D 162 -14.01 19.88 7.30
CA GLU D 162 -12.68 20.42 7.02
C GLU D 162 -11.53 19.46 7.34
N ARG D 163 -11.85 18.23 7.71
CA ARG D 163 -10.81 17.27 8.04
C ARG D 163 -11.00 15.89 7.41
N LEU D 164 -11.26 15.91 6.10
CA LEU D 164 -11.24 14.72 5.26
C LEU D 164 -9.78 14.25 5.14
N SER D 165 -9.58 12.94 5.18
CA SER D 165 -8.25 12.38 4.99
C SER D 165 -8.18 11.63 3.67
N VAL D 166 -7.16 11.95 2.87
CA VAL D 166 -6.96 11.33 1.57
C VAL D 166 -6.50 9.88 1.73
N ALA D 167 -5.62 9.65 2.70
CA ALA D 167 -5.16 8.32 3.05
C ALA D 167 -6.32 7.45 3.50
N GLU D 168 -7.23 8.04 4.27
CA GLU D 168 -8.46 7.37 4.68
C GLU D 168 -9.42 7.15 3.51
N LEU D 169 -9.46 8.11 2.58
CA LEU D 169 -10.27 7.97 1.36
C LEU D 169 -9.75 6.89 0.43
N MET D 170 -8.43 6.72 0.41
CA MET D 170 -7.76 5.72 -0.45
C MET D 170 -7.71 4.34 0.20
N TRP D 171 -8.04 4.26 1.49
CA TRP D 171 -7.89 3.02 2.27
C TRP D 171 -8.63 1.86 1.65
N LYS D 172 -7.85 0.85 1.27
CA LYS D 172 -8.36 -0.40 0.66
C LYS D 172 -8.93 -0.25 -0.75
N ILE D 173 -8.85 0.95 -1.33
CA ILE D 173 -9.25 1.15 -2.73
C ILE D 173 -8.26 0.42 -3.64
N LYS D 174 -8.80 -0.35 -4.59
CA LYS D 174 -7.99 -1.12 -5.52
C LYS D 174 -7.65 -0.25 -6.74
N VAL D 175 -6.46 0.36 -6.69
CA VAL D 175 -5.98 1.27 -7.73
C VAL D 175 -5.99 0.62 -9.12
N ASN D 176 -5.56 -0.63 -9.19
CA ASN D 176 -5.46 -1.34 -10.47
C ASN D 176 -6.80 -1.78 -11.09
N ASN D 177 -7.90 -1.57 -10.35
CA ASN D 177 -9.24 -1.78 -10.89
C ASN D 177 -9.64 -0.69 -11.89
N CYS D 178 -8.99 0.46 -11.80
CA CYS D 178 -9.30 1.62 -12.64
C CYS D 178 -8.45 1.64 -13.91
N ASP D 179 -9.06 1.25 -15.03
CA ASP D 179 -8.35 1.15 -16.30
C ASP D 179 -8.19 2.48 -17.04
N TRP D 180 -8.95 3.48 -16.61
CA TRP D 180 -8.81 4.84 -17.13
C TRP D 180 -7.54 5.48 -16.66
N LEU D 181 -6.95 4.93 -15.60
CA LEU D 181 -5.67 5.39 -15.06
C LEU D 181 -4.46 4.98 -15.90
N LYS D 182 -4.65 3.95 -16.73
CA LYS D 182 -3.52 3.28 -17.38
C LYS D 182 -3.33 3.65 -18.85
N ILE D 183 -2.07 3.82 -19.25
CA ILE D 183 -1.71 3.91 -20.67
C ILE D 183 -1.84 2.56 -21.34
N SER D 184 -1.50 1.50 -20.59
CA SER D 184 -1.54 0.13 -21.09
C SER D 184 -2.13 -0.84 -20.07
N LYS D 185 -3.07 -1.67 -20.53
CA LYS D 185 -3.72 -2.68 -19.70
C LYS D 185 -2.77 -3.81 -19.33
N THR D 186 -1.87 -4.15 -20.26
CA THR D 186 -1.01 -5.31 -20.13
C THR D 186 0.47 -4.93 -20.04
N GLY D 187 1.26 -5.81 -19.41
CA GLY D 187 2.71 -5.62 -19.34
C GLY D 187 3.26 -5.34 -17.95
N ARG D 188 4.48 -4.81 -17.92
CA ARG D 188 5.19 -4.52 -16.67
C ARG D 188 4.85 -3.14 -16.11
N VAL D 189 4.71 -3.07 -14.78
CA VAL D 189 4.38 -1.83 -14.08
C VAL D 189 5.50 -1.49 -13.09
N PRO D 190 6.44 -0.59 -13.50
CA PRO D 190 7.51 -0.14 -12.61
C PRO D 190 6.99 0.69 -11.44
N PRO D 191 7.75 0.77 -10.33
CA PRO D 191 7.36 1.51 -9.13
C PRO D 191 6.83 2.93 -9.37
N SER D 192 7.40 3.63 -10.34
CA SER D 192 7.01 5.01 -10.64
C SER D 192 5.71 5.12 -11.44
N GLU D 193 5.25 4.00 -11.99
CA GLU D 193 3.97 3.96 -12.70
C GLU D 193 2.81 3.75 -11.72
N LEU D 194 3.02 2.89 -10.72
CA LEU D 194 2.06 2.70 -9.65
C LEU D 194 1.88 3.99 -8.86
N SER D 195 3.00 4.65 -8.58
CA SER D 195 3.03 5.93 -7.89
C SER D 195 2.23 6.98 -8.65
N TYR D 196 2.45 7.04 -9.97
CA TYR D 196 1.72 7.98 -10.83
C TYR D 196 0.23 7.65 -10.90
N ARG D 197 -0.09 6.36 -10.96
CA ARG D 197 -1.48 5.91 -10.94
C ARG D 197 -2.20 6.26 -9.64
N THR D 198 -1.60 5.89 -8.50
CA THR D 198 -2.11 6.26 -7.17
C THR D 198 -2.34 7.77 -7.03
N GLN D 199 -1.39 8.54 -7.56
CA GLN D 199 -1.43 10.01 -7.54
C GLN D 199 -2.65 10.56 -8.29
N ILE D 200 -2.91 10.02 -9.48
CA ILE D 200 -4.02 10.46 -10.33
C ILE D 200 -5.38 10.13 -9.70
N LEU D 201 -5.52 8.90 -9.22
CA LEU D 201 -6.77 8.47 -8.59
C LEU D 201 -7.04 9.27 -7.32
N GLY D 202 -5.99 9.53 -6.55
CA GLY D 202 -6.08 10.37 -5.35
C GLY D 202 -6.56 11.77 -5.67
N GLN D 203 -6.09 12.33 -6.78
CA GLN D 203 -6.57 13.62 -7.26
C GLN D 203 -8.06 13.59 -7.59
N PHE D 204 -8.50 12.51 -8.22
CA PHE D 204 -9.90 12.38 -8.63
C PHE D 204 -10.85 12.18 -7.46
N LEU D 205 -10.53 11.23 -6.57
CA LEU D 205 -11.36 10.93 -5.42
C LEU D 205 -11.41 12.10 -4.43
N ALA D 206 -10.28 12.79 -4.28
CA ALA D 206 -10.21 14.00 -3.47
C ALA D 206 -11.06 15.12 -4.06
N TRP D 207 -11.00 15.27 -5.38
CA TRP D 207 -11.82 16.24 -6.09
C TRP D 207 -13.28 15.92 -5.95
N LEU D 208 -13.60 14.63 -6.08
CA LEU D 208 -14.98 14.17 -5.98
C LEU D 208 -15.61 14.53 -4.64
N LEU D 209 -14.80 14.55 -3.58
CA LEU D 209 -15.28 14.91 -2.25
C LEU D 209 -15.37 16.44 -2.06
N ASP D 210 -14.23 17.11 -2.19
CA ASP D 210 -14.15 18.55 -1.96
C ASP D 210 -14.81 19.37 -3.06
N GLY D 211 -14.59 18.97 -4.32
CA GLY D 211 -15.09 19.71 -5.46
C GLY D 211 -16.55 19.44 -5.74
N PHE D 212 -16.91 18.17 -5.88
CA PHE D 212 -18.25 17.77 -6.27
C PHE D 212 -19.24 17.69 -5.10
N VAL D 213 -18.95 16.86 -4.10
CA VAL D 213 -19.86 16.62 -2.97
C VAL D 213 -20.04 17.87 -2.12
N VAL D 214 -18.93 18.46 -1.70
CA VAL D 214 -18.95 19.70 -0.89
C VAL D 214 -19.48 20.86 -1.73
N GLY D 215 -19.06 20.93 -2.98
CA GLY D 215 -19.61 21.92 -3.93
C GLY D 215 -21.12 21.84 -3.96
N LEU D 216 -21.64 20.62 -3.96
CA LEU D 216 -23.07 20.36 -3.98
C LEU D 216 -23.77 20.80 -2.69
N VAL D 217 -23.15 20.52 -1.55
CA VAL D 217 -23.67 20.93 -0.25
C VAL D 217 -23.65 22.45 -0.12
N ARG D 218 -22.52 23.06 -0.47
CA ARG D 218 -22.36 24.52 -0.42
C ARG D 218 -23.44 25.24 -1.20
N ALA D 219 -23.79 24.70 -2.37
CA ALA D 219 -24.74 25.34 -3.28
C ALA D 219 -26.20 25.18 -2.86
N CYS D 220 -26.60 23.94 -2.56
CA CYS D 220 -28.01 23.62 -2.34
C CYS D 220 -28.48 23.84 -0.90
N PHE D 221 -27.53 23.93 0.03
CA PHE D 221 -27.88 24.11 1.43
C PHE D 221 -27.12 25.26 2.06
N TYR D 222 -27.72 25.86 3.08
CA TYR D 222 -26.99 26.68 4.02
C TYR D 222 -27.03 25.93 5.35
N ALA D 223 -25.93 25.99 6.09
CA ALA D 223 -25.85 25.32 7.38
C ALA D 223 -25.58 26.30 8.50
N THR D 224 -26.36 26.18 9.57
CA THR D 224 -26.24 27.07 10.72
C THR D 224 -26.28 26.27 12.03
N GLU D 225 -25.77 26.89 13.09
CA GLU D 225 -25.88 26.33 14.44
C GLU D 225 -27.34 26.36 14.87
N SER D 226 -27.86 25.22 15.31
CA SER D 226 -29.25 25.06 15.72
C SER D 226 -29.66 26.09 16.77
N MET D 227 -30.93 26.47 16.75
CA MET D 227 -31.44 27.49 17.67
C MET D 227 -32.09 26.93 18.95
N GLY D 228 -33.28 26.34 18.79
CA GLY D 228 -34.04 25.82 19.94
C GLY D 228 -33.70 24.38 20.30
N GLN D 229 -32.42 24.04 20.25
CA GLN D 229 -31.95 22.68 20.53
C GLN D 229 -30.46 22.70 20.90
N LYS D 230 -30.17 23.13 22.12
CA LYS D 230 -28.80 23.18 22.66
C LYS D 230 -27.74 23.57 21.60
N ASN D 231 -26.97 22.60 21.13
CA ASN D 231 -25.94 22.82 20.12
C ASN D 231 -25.84 21.70 19.08
N ALA D 232 -26.19 22.03 17.84
CA ALA D 232 -26.11 21.11 16.70
C ALA D 232 -26.04 21.88 15.39
N ILE D 233 -25.62 21.21 14.32
CA ILE D 233 -25.62 21.78 12.98
C ILE D 233 -26.96 21.48 12.31
N ARG D 234 -27.56 22.51 11.71
CA ARG D 234 -28.77 22.32 10.91
C ARG D 234 -28.53 22.71 9.46
N PHE D 235 -28.94 21.82 8.56
CA PHE D 235 -28.83 22.07 7.12
C PHE D 235 -30.18 22.50 6.57
N TYR D 236 -30.22 23.73 6.06
CA TYR D 236 -31.41 24.23 5.40
C TYR D 236 -31.16 24.29 3.92
N ARG D 237 -32.08 23.73 3.13
CA ARG D 237 -32.08 23.97 1.69
C ARG D 237 -32.15 25.48 1.50
N GLN D 238 -31.38 25.99 0.54
CA GLN D 238 -31.15 27.43 0.43
C GLN D 238 -32.42 28.26 0.20
N GLU D 239 -33.43 27.63 -0.41
CA GLU D 239 -34.72 28.28 -0.65
C GLU D 239 -35.42 28.57 0.68
N VAL D 240 -35.44 27.57 1.56
CA VAL D 240 -35.99 27.72 2.91
C VAL D 240 -35.21 28.80 3.67
N TRP D 241 -33.88 28.77 3.52
CA TRP D 241 -33.02 29.74 4.18
C TRP D 241 -33.28 31.13 3.70
N ALA D 242 -33.45 31.29 2.38
CA ALA D 242 -33.78 32.57 1.79
C ALA D 242 -35.07 33.14 2.39
N LYS D 243 -36.07 32.28 2.58
CA LYS D 243 -37.34 32.70 3.18
C LYS D 243 -37.18 33.06 4.66
N LEU D 244 -36.37 32.28 5.38
CA LEU D 244 -36.07 32.58 6.77
C LEU D 244 -35.44 33.97 6.92
N GLN D 245 -34.45 34.27 6.08
CA GLN D 245 -33.81 35.58 6.07
C GLN D 245 -34.78 36.70 5.68
N ASP D 246 -35.58 36.44 4.65
CA ASP D 246 -36.56 37.41 4.17
C ASP D 246 -37.60 37.75 5.24
N LEU D 247 -38.19 36.73 5.86
CA LEU D 247 -39.21 36.92 6.89
C LEU D 247 -38.65 37.51 8.18
N ALA D 248 -37.41 37.18 8.50
CA ALA D 248 -36.76 37.69 9.72
C ALA D 248 -36.44 39.18 9.64
N PHE D 249 -36.24 39.68 8.42
CA PHE D 249 -35.88 41.09 8.22
C PHE D 249 -37.06 41.96 7.75
N ARG D 250 -38.18 41.32 7.45
CA ARG D 250 -39.38 42.03 6.98
C ARG D 250 -40.18 42.74 8.07
N SER D 251 -39.96 42.37 9.33
CA SER D 251 -40.65 43.01 10.44
C SER D 251 -40.00 44.34 10.85
N HIS D 252 -38.85 44.62 10.25
CA HIS D 252 -38.13 45.87 10.52
C HIS D 252 -37.93 46.67 9.27
N ILE D 253 -37.06 46.18 8.37
CA ILE D 253 -36.73 46.90 7.14
C ILE D 253 -37.87 46.81 6.11
N SER D 254 -38.07 47.91 5.38
CA SER D 254 -39.14 48.02 4.40
C SER D 254 -38.63 48.61 3.08
#